data_6QIO
#
_entry.id   6QIO
#
_cell.length_a   75.290
_cell.length_b   108.120
_cell.length_c   159.530
_cell.angle_alpha   90.00
_cell.angle_beta   90.00
_cell.angle_gamma   90.00
#
_symmetry.space_group_name_H-M   'P 21 21 21'
#
loop_
_entity.id
_entity.type
_entity.pdbx_description
1 polymer 'Serum albumin'
2 polymer 'IgG receptor FcRn large subunit p51'
3 polymer Beta-2-microglobulin
4 non-polymer '2-(N-MORPHOLINO)-ETHANESULFONIC ACID'
5 non-polymer CYSTEINE
6 non-polymer Somapacitan
7 water water
#
loop_
_entity_poly.entity_id
_entity_poly.type
_entity_poly.pdbx_seq_one_letter_code
_entity_poly.pdbx_strand_id
1 'polypeptide(L)'
;DAHKSEVAHRFKDLGEENFKALVLIAFAQYLQQCPFEDHVKLVNEVTEFAKTCVADESAENCDKSLHTLFGDKLCTVATL
RETYGEMADCCAKQEPERNECFLQHKDDNPNLPRLVRPEVDVMCTAFHDNEETFLKKYLYEIARRHPYFYAPELLFFAKR
YKAAFTECCQAADKAACLLPKLDELRDEGKASSAKQRLKCASLQKFGERAFKAWAVARLSQRFPKAEFAEVSKLVTDLTK
VHTECCHGDLLECADDRADLAKYICENQDSISSKLKECCEKPLLEKSHCIAEVENDEMPADLPSLAADFVESKDVCKNYA
EAKDVFLGMFLYEYARRHPDYSVVLLLRLAKTYETTLEKCCAAADPHECYAKVFDEFKPLVEEPQNLIKQNCELFEQLGE
YKFQNALLVRYTKKVPQMSAPTLVEVSRNLGKVGSKCCKHPEAKRMPCAEDYLSVVLNQLCVLHEKTPVSDRVTKCCTES
LVNRRPCFSALEVDETYVPKEFNAGTFTFHADICTLSEKERQIKKQTALVELVKHKPKATKEQLKAAMDDFAAFVEKCCK
ADDKETCFAEEGKKLVAASQAALGL
;
A
2 'polypeptide(L)'
;AESHLSLLYHLTAVSSPAPGTPAFWVSGWLGPQQYLSYNSLRGEAEPCGAWVWENQVSWYWEKETTDLRIKEKLFLEAFK
ALGGKGPYTLQGLLGCELGPDNTSVPTAKFALNGEEFMNFDLKQGTWGGDWPEALAISQRWQQQDKAANKELTFLLFSCP
HRLREHLERGRGNLEWKEPPSMRLKARPSSPGFSVLTCSAFSFYPPELQLRFLRNGLAAGTGQGDFGPNSDGSFHASSSL
TVKSGDEHHYCCIVQHAGLAQPLRVELESPAKSS
;
B
3 'polypeptide(L)'
;IQRTPKIQVYSRHPAENGKSNFLNCYVSGFHPSDIEVDLLKNGERIEKVEHSDLSFSKDWSFYLLYYTEFTPTEKDEYAC
RVNHVTLSQPKIVKWDRDMHHHHHH
;
C
#
loop_
_chem_comp.id
_chem_comp.type
_chem_comp.name
_chem_comp.formula
JG5 non-polymer Somapacitan 'C51 H89 N11 O19 S'
MES non-polymer '2-(N-MORPHOLINO)-ETHANESULFONIC ACID' 'C6 H13 N O4 S'
#
# COMPACT_ATOMS: atom_id res chain seq x y z
N HIS A 3 38.58 19.15 -16.83
CA HIS A 3 38.40 17.78 -17.31
C HIS A 3 37.38 17.72 -18.45
N LYS A 4 37.84 17.28 -19.61
CA LYS A 4 36.92 17.13 -20.74
C LYS A 4 36.14 15.82 -20.68
N SER A 5 36.12 15.15 -19.52
CA SER A 5 35.32 13.93 -19.40
C SER A 5 35.09 13.62 -17.92
N GLU A 6 33.89 13.91 -17.45
CA GLU A 6 33.50 13.58 -16.09
C GLU A 6 33.57 12.09 -15.85
N VAL A 7 33.15 11.28 -16.81
CA VAL A 7 33.18 9.86 -16.54
C VAL A 7 34.63 9.40 -16.34
N ALA A 8 35.56 9.98 -17.10
CA ALA A 8 36.97 9.62 -16.93
C ALA A 8 37.49 10.12 -15.58
N HIS A 9 37.12 11.33 -15.21
CA HIS A 9 37.50 11.91 -13.93
C HIS A 9 37.08 11.02 -12.77
N ARG A 10 35.83 10.57 -12.76
CA ARG A 10 35.34 9.78 -11.63
C ARG A 10 35.96 8.39 -11.64
N PHE A 11 36.10 7.79 -12.81
CA PHE A 11 36.76 6.49 -12.89
C PHE A 11 38.17 6.58 -12.32
N LYS A 12 38.88 7.65 -12.66
CA LYS A 12 40.23 7.83 -12.15
C LYS A 12 40.22 8.03 -10.64
N ASP A 13 39.37 8.92 -10.15
CA ASP A 13 39.38 9.22 -8.72
C ASP A 13 39.01 8.01 -7.90
N LEU A 14 38.05 7.22 -8.37
CA LEU A 14 37.45 6.19 -7.54
C LEU A 14 38.08 4.82 -7.71
N GLY A 15 38.72 4.56 -8.85
CA GLY A 15 39.18 3.23 -9.20
C GLY A 15 38.07 2.36 -9.77
N GLU A 16 38.48 1.34 -10.51
CA GLU A 16 37.53 0.55 -11.26
C GLU A 16 36.58 -0.23 -10.36
N GLU A 17 37.08 -0.77 -9.25
CA GLU A 17 36.23 -1.60 -8.41
C GLU A 17 35.10 -0.77 -7.79
N ASN A 18 35.43 0.38 -7.16
CA ASN A 18 34.39 1.20 -6.58
C ASN A 18 33.52 1.84 -7.65
N PHE A 19 34.10 2.19 -8.79
CA PHE A 19 33.33 2.77 -9.87
C PHE A 19 32.22 1.84 -10.30
N LYS A 20 32.57 0.59 -10.55
CA LYS A 20 31.60 -0.37 -11.06
C LYS A 20 30.55 -0.70 -10.00
N ALA A 21 30.98 -0.78 -8.74
CA ALA A 21 30.03 -1.06 -7.68
C ALA A 21 29.05 0.09 -7.54
N LEU A 22 29.52 1.35 -7.58
CA LEU A 22 28.63 2.48 -7.50
C LEU A 22 27.69 2.58 -8.71
N VAL A 23 28.14 2.21 -9.90
CA VAL A 23 27.27 2.32 -11.05
C VAL A 23 26.18 1.28 -10.96
N LEU A 24 26.51 0.09 -10.46
CA LEU A 24 25.50 -0.94 -10.22
C LEU A 24 24.49 -0.46 -9.19
N ILE A 25 24.96 0.10 -8.09
CA ILE A 25 24.02 0.66 -7.09
C ILE A 25 23.08 1.66 -7.75
N ALA A 26 23.65 2.58 -8.52
CA ALA A 26 22.86 3.62 -9.19
C ALA A 26 21.78 3.00 -10.08
N PHE A 27 22.18 2.06 -10.94
CA PHE A 27 21.19 1.41 -11.80
C PHE A 27 20.14 0.69 -10.98
N ALA A 28 20.55 -0.02 -9.93
CA ALA A 28 19.57 -0.77 -9.15
C ALA A 28 18.61 0.15 -8.41
N GLN A 29 19.05 1.36 -8.06
CA GLN A 29 18.19 2.25 -7.29
C GLN A 29 17.23 2.98 -8.19
N TYR A 30 17.63 3.23 -9.43
CA TYR A 30 16.75 3.92 -10.38
C TYR A 30 15.74 2.97 -10.98
N LEU A 31 16.16 1.75 -11.26
CA LEU A 31 15.34 0.80 -12.01
C LEU A 31 15.27 -0.45 -11.15
N GLN A 32 14.42 -0.37 -10.11
CA GLN A 32 14.44 -1.37 -9.06
C GLN A 32 13.85 -2.70 -9.52
N GLN A 33 13.02 -2.69 -10.55
CA GLN A 33 12.37 -3.91 -11.02
C GLN A 33 13.20 -4.63 -12.07
N CYS A 34 14.30 -4.04 -12.50
CA CYS A 34 15.09 -4.63 -13.58
C CYS A 34 15.87 -5.82 -13.05
N PRO A 35 15.93 -6.91 -13.82
CA PRO A 35 16.63 -8.12 -13.33
C PRO A 35 18.13 -7.94 -13.23
N PHE A 36 18.73 -8.73 -12.32
CA PHE A 36 20.15 -8.61 -11.99
C PHE A 36 21.05 -8.69 -13.22
N GLU A 37 20.78 -9.66 -14.09
CA GLU A 37 21.68 -9.90 -15.22
C GLU A 37 21.62 -8.76 -16.23
N ASP A 38 20.46 -8.14 -16.40
CA ASP A 38 20.37 -6.98 -17.28
C ASP A 38 21.20 -5.84 -16.73
N HIS A 39 21.19 -5.62 -15.42
CA HIS A 39 21.97 -4.52 -14.85
C HIS A 39 23.47 -4.76 -14.98
N VAL A 40 23.93 -5.97 -14.71
CA VAL A 40 25.37 -6.26 -14.85
C VAL A 40 25.83 -6.00 -16.28
N LYS A 41 24.99 -6.34 -17.26
CA LYS A 41 25.36 -6.08 -18.64
C LYS A 41 25.55 -4.59 -18.88
N LEU A 42 24.56 -3.78 -18.50
CA LEU A 42 24.63 -2.33 -18.69
C LEU A 42 25.83 -1.74 -17.97
N VAL A 43 26.03 -2.14 -16.70
CA VAL A 43 27.15 -1.64 -15.91
C VAL A 43 28.48 -1.96 -16.61
N ASN A 44 28.61 -3.16 -17.13
CA ASN A 44 29.87 -3.52 -17.80
C ASN A 44 30.08 -2.70 -19.05
N GLU A 45 29.01 -2.49 -19.85
CA GLU A 45 29.12 -1.59 -20.99
C GLU A 45 29.59 -0.21 -20.56
N VAL A 46 28.95 0.37 -19.54
CA VAL A 46 29.33 1.70 -19.09
C VAL A 46 30.80 1.73 -18.72
N THR A 47 31.29 0.69 -18.07
CA THR A 47 32.65 0.72 -17.54
C THR A 47 33.70 0.61 -18.64
N GLU A 48 33.49 -0.25 -19.62
CA GLU A 48 34.36 -0.31 -20.78
C GLU A 48 34.38 1.05 -21.48
N PHE A 49 33.22 1.67 -21.66
CA PHE A 49 33.19 3.01 -22.22
C PHE A 49 34.02 3.97 -21.41
N ALA A 50 33.82 3.97 -20.09
CA ALA A 50 34.61 4.84 -19.22
C ALA A 50 36.10 4.67 -19.48
N LYS A 51 36.54 3.42 -19.69
CA LYS A 51 37.95 3.15 -19.90
C LYS A 51 38.47 3.78 -21.19
N THR A 52 37.63 3.84 -22.23
CA THR A 52 38.06 4.52 -23.46
C THR A 52 38.20 6.01 -23.22
N CYS A 53 37.38 6.60 -22.34
CA CYS A 53 37.53 8.02 -22.05
C CYS A 53 38.79 8.31 -21.24
N VAL A 54 39.17 7.39 -20.35
CA VAL A 54 40.43 7.56 -19.62
C VAL A 54 41.59 7.55 -20.59
N ALA A 55 41.57 6.63 -21.57
CA ALA A 55 42.63 6.55 -22.58
C ALA A 55 42.66 7.80 -23.45
N ASP A 56 41.53 8.49 -23.58
CA ASP A 56 41.36 9.59 -24.52
C ASP A 56 40.13 10.40 -24.18
N GLU A 57 40.28 11.43 -23.35
CA GLU A 57 39.13 12.19 -22.91
C GLU A 57 38.41 12.90 -24.04
N SER A 58 39.01 12.95 -25.23
N SER A 58 39.02 12.94 -25.22
CA SER A 58 38.38 13.59 -26.38
CA SER A 58 38.42 13.57 -26.40
C SER A 58 37.71 12.58 -27.30
C SER A 58 37.59 12.60 -27.23
N ALA A 59 37.58 11.32 -26.89
CA ALA A 59 36.84 10.37 -27.69
C ALA A 59 35.36 10.67 -27.65
N GLU A 60 34.64 10.09 -28.60
CA GLU A 60 33.24 10.40 -28.81
C GLU A 60 32.44 10.08 -27.55
N ASN A 61 31.60 11.04 -27.13
CA ASN A 61 30.62 10.92 -26.06
C ASN A 61 31.28 10.98 -24.67
N CYS A 62 32.61 11.04 -24.58
CA CYS A 62 33.31 11.14 -23.32
C CYS A 62 33.02 12.43 -22.60
N ASP A 63 32.51 13.43 -23.33
CA ASP A 63 32.16 14.74 -22.78
C ASP A 63 30.77 14.79 -22.17
N LYS A 64 29.93 13.81 -22.43
CA LYS A 64 28.55 13.89 -21.97
C LYS A 64 28.45 13.77 -20.46
N SER A 65 27.38 14.31 -19.93
CA SER A 65 27.18 14.27 -18.48
C SER A 65 26.86 12.85 -18.02
N LEU A 66 27.21 12.57 -16.77
CA LEU A 66 26.97 11.24 -16.22
C LEU A 66 25.50 10.86 -16.34
N HIS A 67 24.60 11.79 -16.01
CA HIS A 67 23.17 11.51 -16.10
C HIS A 67 22.74 11.25 -17.54
N THR A 68 23.38 11.90 -18.53
CA THR A 68 23.13 11.58 -19.93
C THR A 68 23.57 10.15 -20.26
N LEU A 69 24.83 9.81 -19.96
CA LEU A 69 25.29 8.45 -20.19
C LEU A 69 24.43 7.43 -19.42
N PHE A 70 24.21 7.62 -18.13
CA PHE A 70 23.57 6.56 -17.36
C PHE A 70 22.10 6.45 -17.73
N GLY A 71 21.42 7.60 -17.86
CA GLY A 71 20.03 7.59 -18.31
C GLY A 71 19.86 6.89 -19.65
N ASP A 72 20.77 7.15 -20.58
CA ASP A 72 20.68 6.52 -21.89
C ASP A 72 20.75 5.00 -21.75
N LYS A 73 21.66 4.51 -20.91
CA LYS A 73 21.73 3.07 -20.69
C LYS A 73 20.43 2.55 -20.11
N LEU A 74 19.92 3.22 -19.08
CA LEU A 74 18.69 2.73 -18.44
C LEU A 74 17.52 2.70 -19.45
N CYS A 75 17.46 3.70 -20.31
CA CYS A 75 16.32 3.78 -21.21
C CYS A 75 16.44 2.82 -22.39
N THR A 76 17.54 2.06 -22.51
CA THR A 76 17.47 0.95 -23.47
C THR A 76 16.47 -0.11 -23.02
N VAL A 77 16.22 -0.26 -21.71
CA VAL A 77 15.24 -1.24 -21.25
C VAL A 77 14.00 -0.60 -20.59
N ALA A 78 14.10 0.60 -20.03
CA ALA A 78 12.98 1.14 -19.26
C ALA A 78 11.90 1.79 -20.12
N THR A 79 11.99 1.75 -21.44
CA THR A 79 10.88 2.27 -22.24
C THR A 79 9.69 1.32 -22.26
N LEU A 80 9.83 0.11 -21.73
CA LEU A 80 8.78 -0.90 -21.77
C LEU A 80 7.79 -0.66 -20.63
N ARG A 81 6.70 0.04 -20.94
CA ARG A 81 5.73 0.45 -19.91
C ARG A 81 5.12 -0.74 -19.20
N GLU A 82 4.98 -1.87 -19.90
CA GLU A 82 4.46 -3.09 -19.29
C GLU A 82 5.24 -3.46 -18.04
N THR A 83 6.55 -3.25 -18.05
CA THR A 83 7.40 -3.68 -16.95
C THR A 83 7.81 -2.54 -16.03
N TYR A 84 7.96 -1.33 -16.57
CA TYR A 84 8.55 -0.26 -15.81
C TYR A 84 7.59 0.87 -15.54
N GLY A 85 6.33 0.76 -15.99
CA GLY A 85 5.31 1.73 -15.59
C GLY A 85 5.66 3.13 -16.09
N GLU A 86 5.41 4.12 -15.25
CA GLU A 86 5.70 5.49 -15.65
C GLU A 86 7.19 5.75 -15.93
N MET A 87 8.10 4.84 -15.56
CA MET A 87 9.49 5.05 -15.90
C MET A 87 9.66 5.22 -17.41
N ALA A 88 8.75 4.65 -18.20
CA ALA A 88 8.79 4.80 -19.65
C ALA A 88 8.60 6.25 -20.04
N ASP A 89 7.83 7.01 -19.26
CA ASP A 89 7.66 8.44 -19.54
C ASP A 89 8.90 9.25 -19.17
N CYS A 90 9.65 8.83 -18.15
CA CYS A 90 10.92 9.49 -17.92
C CYS A 90 11.82 9.35 -19.13
N CYS A 91 11.86 8.16 -19.74
CA CYS A 91 12.70 7.92 -20.90
C CYS A 91 12.24 8.75 -22.10
N ALA A 92 11.02 9.29 -22.08
CA ALA A 92 10.60 10.21 -23.13
C ALA A 92 11.24 11.58 -23.00
N LYS A 93 11.80 11.90 -21.84
CA LYS A 93 12.34 13.24 -21.63
C LYS A 93 13.84 13.23 -21.86
N GLN A 94 14.42 14.43 -21.88
CA GLN A 94 15.86 14.62 -21.93
C GLN A 94 16.33 15.14 -20.59
N GLU A 95 17.64 15.04 -20.37
CA GLU A 95 18.22 15.67 -19.18
C GLU A 95 18.08 17.19 -19.30
N PRO A 96 17.89 17.88 -18.17
CA PRO A 96 17.87 17.32 -16.80
C PRO A 96 16.50 16.82 -16.34
N GLU A 97 15.45 17.05 -17.14
CA GLU A 97 14.11 16.62 -16.73
C GLU A 97 14.04 15.11 -16.51
N ARG A 98 14.73 14.35 -17.35
CA ARG A 98 14.74 12.89 -17.23
C ARG A 98 15.20 12.47 -15.85
N ASN A 99 16.30 13.03 -15.36
CA ASN A 99 16.82 12.61 -14.06
C ASN A 99 15.80 12.90 -12.96
N GLU A 100 15.22 14.10 -12.97
CA GLU A 100 14.28 14.41 -11.91
C GLU A 100 13.09 13.45 -11.95
N CYS A 101 12.69 13.03 -13.15
CA CYS A 101 11.58 12.13 -13.29
C CYS A 101 11.92 10.75 -12.71
N PHE A 102 13.13 10.27 -12.98
CA PHE A 102 13.55 9.03 -12.36
C PHE A 102 13.55 9.14 -10.84
N LEU A 103 14.07 10.25 -10.32
CA LEU A 103 14.12 10.40 -8.88
C LEU A 103 12.73 10.45 -8.27
N GLN A 104 11.79 11.12 -8.95
CA GLN A 104 10.42 11.16 -8.45
C GLN A 104 9.82 9.76 -8.40
N HIS A 105 10.27 8.86 -9.28
CA HIS A 105 9.66 7.54 -9.37
C HIS A 105 10.43 6.48 -8.62
N LYS A 106 11.51 6.82 -7.93
CA LYS A 106 12.12 5.86 -7.01
C LYS A 106 11.04 5.35 -6.06
N ASP A 107 10.96 4.03 -5.94
CA ASP A 107 9.88 3.39 -5.18
C ASP A 107 10.36 3.07 -3.75
N ASP A 108 9.81 3.80 -2.78
CA ASP A 108 10.10 3.59 -1.38
C ASP A 108 9.36 2.38 -0.78
N ASN A 109 8.61 1.63 -1.59
CA ASN A 109 7.84 0.49 -1.11
C ASN A 109 7.80 -0.50 -2.25
N PRO A 110 8.96 -0.89 -2.80
CA PRO A 110 8.96 -1.85 -3.91
C PRO A 110 8.33 -3.15 -3.44
N ASN A 111 7.53 -3.78 -4.29
CA ASN A 111 6.87 -5.00 -3.82
C ASN A 111 7.78 -6.17 -4.18
N LEU A 112 8.82 -6.36 -3.37
CA LEU A 112 9.85 -7.29 -3.77
C LEU A 112 9.90 -8.48 -2.80
N PRO A 113 10.20 -9.68 -3.30
CA PRO A 113 10.20 -10.88 -2.44
C PRO A 113 10.98 -10.67 -1.16
N ARG A 114 10.38 -11.11 -0.05
CA ARG A 114 11.15 -11.28 1.18
C ARG A 114 12.48 -11.94 0.84
N LEU A 115 13.51 -11.55 1.57
CA LEU A 115 14.85 -12.07 1.37
C LEU A 115 15.03 -13.21 2.36
N VAL A 116 14.95 -14.44 1.87
CA VAL A 116 15.12 -15.63 2.70
C VAL A 116 16.56 -16.10 2.56
N ARG A 117 17.30 -16.08 3.66
CA ARG A 117 18.67 -16.57 3.65
C ARG A 117 18.65 -18.05 3.33
N PRO A 118 19.42 -18.51 2.34
CA PRO A 118 19.66 -19.96 2.20
C PRO A 118 20.50 -20.46 3.35
N GLU A 119 20.66 -21.79 3.40
CA GLU A 119 21.58 -22.37 4.38
C GLU A 119 22.98 -21.84 4.19
N VAL A 120 23.73 -21.79 5.28
CA VAL A 120 25.07 -21.26 5.21
C VAL A 120 25.93 -22.05 4.23
N ASP A 121 25.87 -23.40 4.27
CA ASP A 121 26.69 -24.18 3.33
C ASP A 121 26.39 -23.80 1.89
N VAL A 122 25.13 -23.51 1.60
CA VAL A 122 24.74 -23.16 0.23
C VAL A 122 25.26 -21.77 -0.11
N MET A 123 25.11 -20.82 0.80
CA MET A 123 25.66 -19.49 0.55
C MET A 123 27.18 -19.56 0.37
N CYS A 124 27.87 -20.32 1.23
CA CYS A 124 29.32 -20.38 1.14
C CYS A 124 29.72 -20.99 -0.19
N THR A 125 28.96 -21.99 -0.73
CA THR A 125 29.25 -22.56 -2.03
C THR A 125 29.03 -21.54 -3.14
N ALA A 126 27.93 -20.78 -3.10
CA ALA A 126 27.74 -19.72 -4.09
C ALA A 126 28.87 -18.71 -4.04
N PHE A 127 29.27 -18.32 -2.82
CA PHE A 127 30.38 -17.40 -2.66
C PHE A 127 31.64 -17.96 -3.31
N HIS A 128 31.98 -19.21 -2.99
CA HIS A 128 33.19 -19.82 -3.53
C HIS A 128 33.08 -20.01 -5.04
N ASP A 129 31.90 -20.39 -5.53
CA ASP A 129 31.73 -20.69 -6.95
C ASP A 129 31.89 -19.44 -7.83
N ASN A 130 31.65 -18.25 -7.28
CA ASN A 130 31.62 -17.03 -8.09
C ASN A 130 31.53 -15.81 -7.18
N GLU A 131 32.67 -15.45 -6.59
CA GLU A 131 32.72 -14.48 -5.52
C GLU A 131 32.21 -13.12 -5.96
N GLU A 132 32.62 -12.66 -7.14
CA GLU A 132 32.26 -11.32 -7.58
C GLU A 132 30.76 -11.20 -7.82
N THR A 133 30.19 -12.22 -8.46
CA THR A 133 28.78 -12.23 -8.74
C THR A 133 27.99 -12.26 -7.45
N PHE A 134 28.45 -13.05 -6.49
CA PHE A 134 27.83 -13.11 -5.19
C PHE A 134 27.78 -11.72 -4.54
N LEU A 135 28.90 -10.98 -4.57
CA LEU A 135 28.91 -9.65 -3.94
C LEU A 135 28.07 -8.65 -4.73
N LYS A 136 28.12 -8.69 -6.05
CA LYS A 136 27.23 -7.84 -6.84
C LYS A 136 25.76 -8.10 -6.54
N LYS A 137 25.38 -9.37 -6.36
CA LYS A 137 23.99 -9.66 -6.05
C LYS A 137 23.60 -9.02 -4.72
N TYR A 138 24.50 -9.07 -3.76
CA TYR A 138 24.30 -8.39 -2.48
C TYR A 138 24.03 -6.90 -2.68
N LEU A 139 24.90 -6.21 -3.42
CA LEU A 139 24.67 -4.78 -3.67
C LEU A 139 23.34 -4.55 -4.35
N TYR A 140 23.05 -5.35 -5.36
CA TYR A 140 21.84 -5.20 -6.16
C TYR A 140 20.58 -5.38 -5.32
N GLU A 141 20.52 -6.43 -4.51
CA GLU A 141 19.32 -6.69 -3.73
C GLU A 141 19.10 -5.62 -2.66
N ILE A 142 20.17 -5.16 -2.00
CA ILE A 142 19.99 -4.13 -0.99
C ILE A 142 19.62 -2.81 -1.66
N ALA A 143 20.35 -2.44 -2.71
CA ALA A 143 20.11 -1.16 -3.38
C ALA A 143 18.71 -1.08 -3.95
N ARG A 144 18.21 -2.14 -4.58
CA ARG A 144 16.91 -2.03 -5.21
C ARG A 144 15.78 -2.00 -4.19
N ARG A 145 16.00 -2.53 -3.00
CA ARG A 145 14.99 -2.45 -1.96
C ARG A 145 15.05 -1.16 -1.17
N HIS A 146 16.16 -0.44 -1.29
CA HIS A 146 16.44 0.75 -0.47
C HIS A 146 17.03 1.77 -1.42
N PRO A 147 16.18 2.43 -2.22
CA PRO A 147 16.69 3.21 -3.36
C PRO A 147 17.39 4.50 -2.96
N TYR A 148 17.42 4.83 -1.68
CA TYR A 148 18.19 5.95 -1.15
C TYR A 148 19.28 5.50 -0.19
N PHE A 149 19.58 4.21 -0.12
CA PHE A 149 20.68 3.77 0.72
C PHE A 149 21.93 4.58 0.40
N TYR A 150 22.60 5.09 1.44
CA TYR A 150 23.83 5.90 1.27
C TYR A 150 24.92 5.12 0.55
N ALA A 151 25.16 5.46 -0.72
CA ALA A 151 25.86 4.52 -1.60
C ALA A 151 27.28 4.26 -1.15
N PRO A 152 28.08 5.27 -0.82
CA PRO A 152 29.43 4.98 -0.35
C PRO A 152 29.45 4.13 0.90
N GLU A 153 28.46 4.25 1.80
CA GLU A 153 28.45 3.35 2.95
C GLU A 153 28.08 1.92 2.54
N LEU A 154 27.24 1.76 1.50
CA LEU A 154 26.90 0.43 1.01
C LEU A 154 28.15 -0.29 0.51
N LEU A 155 29.09 0.43 -0.07
CA LEU A 155 30.39 -0.14 -0.42
C LEU A 155 31.06 -0.75 0.79
N PHE A 156 30.98 -0.09 1.94
CA PHE A 156 31.61 -0.64 3.13
C PHE A 156 30.83 -1.83 3.69
N PHE A 157 29.48 -1.80 3.63
CA PHE A 157 28.72 -2.99 4.01
C PHE A 157 29.17 -4.19 3.19
N ALA A 158 29.33 -4.00 1.88
CA ALA A 158 29.75 -5.09 1.00
C ALA A 158 31.14 -5.60 1.37
N LYS A 159 32.05 -4.69 1.77
CA LYS A 159 33.37 -5.12 2.19
C LYS A 159 33.28 -5.96 3.46
N ARG A 160 32.46 -5.54 4.41
CA ARG A 160 32.28 -6.36 5.61
C ARG A 160 31.57 -7.68 5.30
N TYR A 161 30.59 -7.65 4.40
CA TYR A 161 29.88 -8.87 4.01
C TYR A 161 30.85 -9.86 3.38
N LYS A 162 31.71 -9.36 2.50
CA LYS A 162 32.74 -10.22 1.92
C LYS A 162 33.68 -10.77 2.99
N ALA A 163 34.10 -9.94 3.93
CA ALA A 163 35.03 -10.41 4.95
C ALA A 163 34.37 -11.45 5.86
N ALA A 164 33.08 -11.30 6.15
CA ALA A 164 32.42 -12.30 6.97
C ALA A 164 32.41 -13.65 6.28
N PHE A 165 32.12 -13.67 4.98
CA PHE A 165 32.13 -14.92 4.22
C PHE A 165 33.55 -15.48 4.12
N THR A 166 34.51 -14.64 3.78
CA THR A 166 35.88 -15.11 3.67
C THR A 166 36.29 -15.89 4.92
N GLU A 167 36.05 -15.32 6.10
CA GLU A 167 36.46 -15.96 7.34
C GLU A 167 35.56 -17.13 7.69
N CYS A 168 34.25 -16.90 7.74
CA CYS A 168 33.35 -17.89 8.31
C CYS A 168 33.17 -19.11 7.40
N CYS A 169 33.32 -18.97 6.09
CA CYS A 169 33.06 -20.14 5.27
C CYS A 169 34.17 -21.18 5.41
N GLN A 170 35.26 -20.83 6.08
CA GLN A 170 36.35 -21.75 6.35
C GLN A 170 36.42 -22.12 7.82
N ALA A 171 35.40 -21.77 8.60
CA ALA A 171 35.39 -22.04 10.03
C ALA A 171 34.80 -23.42 10.30
N ALA A 172 35.02 -23.91 11.52
CA ALA A 172 34.46 -25.21 11.92
C ALA A 172 32.94 -25.14 12.01
N ASP A 173 32.41 -24.26 12.86
CA ASP A 173 30.97 -24.00 12.89
C ASP A 173 30.72 -22.78 12.02
N LYS A 174 30.27 -23.02 10.78
CA LYS A 174 30.13 -21.95 9.80
C LYS A 174 28.98 -21.03 10.17
N ALA A 175 27.80 -21.60 10.47
CA ALA A 175 26.63 -20.80 10.77
C ALA A 175 26.82 -19.96 12.04
N ALA A 176 27.48 -20.51 13.06
CA ALA A 176 27.67 -19.76 14.30
C ALA A 176 28.71 -18.63 14.17
N CYS A 177 29.61 -18.72 13.21
CA CYS A 177 30.46 -17.59 12.89
C CYS A 177 29.70 -16.57 12.05
N LEU A 178 28.93 -17.04 11.06
CA LEU A 178 28.41 -16.20 9.98
C LEU A 178 27.11 -15.49 10.34
N LEU A 179 26.11 -16.23 10.82
CA LEU A 179 24.79 -15.62 10.97
C LEU A 179 24.79 -14.45 11.95
N PRO A 180 25.54 -14.48 13.05
CA PRO A 180 25.62 -13.26 13.86
C PRO A 180 26.17 -12.06 13.10
N LYS A 181 27.18 -12.29 12.26
CA LYS A 181 27.77 -11.18 11.52
C LYS A 181 26.76 -10.64 10.50
N LEU A 182 26.07 -11.53 9.80
CA LEU A 182 25.07 -11.10 8.83
C LEU A 182 23.90 -10.39 9.49
N ASP A 183 23.55 -10.79 10.71
CA ASP A 183 22.44 -10.16 11.40
C ASP A 183 22.79 -8.76 11.86
N GLU A 184 24.04 -8.56 12.29
CA GLU A 184 24.49 -7.23 12.69
C GLU A 184 24.51 -6.27 11.50
N LEU A 185 25.01 -6.74 10.35
CA LEU A 185 25.02 -5.92 9.15
C LEU A 185 23.61 -5.58 8.71
N ARG A 186 22.71 -6.56 8.73
CA ARG A 186 21.34 -6.31 8.32
C ARG A 186 20.68 -5.27 9.21
N ASP A 187 20.91 -5.34 10.52
CA ASP A 187 20.33 -4.36 11.43
C ASP A 187 20.94 -2.98 11.21
N GLU A 188 22.28 -2.92 11.15
CA GLU A 188 22.95 -1.67 10.83
C GLU A 188 22.44 -1.10 9.53
N GLY A 189 22.19 -1.95 8.53
CA GLY A 189 21.76 -1.46 7.24
C GLY A 189 20.38 -0.83 7.30
N LYS A 190 19.47 -1.44 8.06
CA LYS A 190 18.13 -0.89 8.22
C LYS A 190 18.19 0.47 8.89
N ALA A 191 19.01 0.62 9.93
CA ALA A 191 19.21 1.93 10.56
C ALA A 191 19.81 2.92 9.59
N SER A 192 20.91 2.55 8.93
CA SER A 192 21.57 3.46 7.99
C SER A 192 20.59 3.93 6.92
N SER A 193 19.85 2.99 6.35
CA SER A 193 18.93 3.32 5.29
C SER A 193 17.86 4.28 5.77
N ALA A 194 17.31 4.06 6.96
CA ALA A 194 16.28 4.95 7.46
C ALA A 194 16.82 6.36 7.72
N LYS A 195 18.01 6.46 8.30
CA LYS A 195 18.60 7.76 8.52
C LYS A 195 18.88 8.47 7.20
N GLN A 196 19.38 7.74 6.20
CA GLN A 196 19.67 8.44 4.94
C GLN A 196 18.38 8.90 4.26
N ARG A 197 17.31 8.09 4.34
CA ARG A 197 16.06 8.51 3.73
C ARG A 197 15.58 9.84 4.31
N LEU A 198 15.82 10.07 5.60
CA LEU A 198 15.41 11.34 6.21
C LEU A 198 16.33 12.49 5.77
N LYS A 199 17.62 12.22 5.63
CA LYS A 199 18.52 13.23 5.06
C LYS A 199 18.05 13.66 3.69
N CYS A 200 17.71 12.69 2.84
CA CYS A 200 17.29 13.01 1.49
C CYS A 200 15.94 13.73 1.49
N ALA A 201 15.04 13.36 2.40
CA ALA A 201 13.75 14.05 2.50
C ALA A 201 13.97 15.48 2.95
N SER A 202 14.87 15.69 3.92
N SER A 202 14.85 15.68 3.94
N SER A 202 14.84 15.69 3.95
CA SER A 202 15.15 17.03 4.41
CA SER A 202 15.16 17.03 4.41
CA SER A 202 15.11 17.05 4.38
C SER A 202 15.69 17.90 3.29
C SER A 202 15.67 17.89 3.27
C SER A 202 15.63 17.89 3.22
N LEU A 203 16.66 17.38 2.54
CA LEU A 203 17.24 18.17 1.45
C LEU A 203 16.25 18.40 0.33
N GLN A 204 15.47 17.39 -0.05
CA GLN A 204 14.63 17.54 -1.24
C GLN A 204 13.33 18.24 -0.97
N LYS A 205 12.74 18.06 0.20
CA LYS A 205 11.45 18.67 0.46
C LYS A 205 11.53 19.94 1.29
N PHE A 206 12.59 20.12 2.07
CA PHE A 206 12.70 21.26 2.97
C PHE A 206 13.86 22.17 2.67
N GLY A 207 14.94 21.67 2.12
CA GLY A 207 15.98 22.49 1.52
C GLY A 207 17.27 22.49 2.31
N GLU A 208 18.25 23.22 1.78
N GLU A 208 18.23 23.23 1.76
CA GLU A 208 19.59 23.14 2.35
CA GLU A 208 19.60 23.20 2.28
C GLU A 208 19.65 23.76 3.72
C GLU A 208 19.68 23.80 3.68
N ARG A 209 18.89 24.84 3.95
CA ARG A 209 18.92 25.43 5.28
C ARG A 209 18.44 24.42 6.33
N ALA A 210 17.38 23.67 6.03
CA ALA A 210 16.90 22.69 7.01
C ALA A 210 17.94 21.63 7.28
N PHE A 211 18.57 21.12 6.23
CA PHE A 211 19.58 20.11 6.42
C PHE A 211 20.79 20.67 7.18
N LYS A 212 21.22 21.88 6.84
CA LYS A 212 22.37 22.47 7.52
C LYS A 212 22.09 22.65 9.00
N ALA A 213 20.86 23.04 9.36
CA ALA A 213 20.53 23.18 10.78
C ALA A 213 20.75 21.86 11.50
N TRP A 214 20.28 20.78 10.88
CA TRP A 214 20.46 19.43 11.41
C TRP A 214 21.95 19.12 11.57
N ALA A 215 22.72 19.32 10.52
CA ALA A 215 24.13 19.02 10.54
C ALA A 215 24.91 19.87 11.56
N VAL A 216 24.61 21.16 11.67
CA VAL A 216 25.27 21.98 12.68
C VAL A 216 25.06 21.38 14.06
N ALA A 217 23.81 21.05 14.38
CA ALA A 217 23.49 20.51 15.69
C ALA A 217 24.23 19.21 15.92
N ARG A 218 24.15 18.30 14.97
CA ARG A 218 24.74 16.99 15.16
C ARG A 218 26.25 17.07 15.26
N LEU A 219 26.91 17.83 14.36
CA LEU A 219 28.37 17.92 14.43
C LEU A 219 28.80 18.66 15.68
N SER A 220 28.00 19.60 16.15
CA SER A 220 28.41 20.33 17.34
C SER A 220 28.39 19.42 18.56
N GLN A 221 27.48 18.45 18.59
CA GLN A 221 27.48 17.46 19.68
C GLN A 221 28.75 16.62 19.64
N ARG A 222 29.16 16.23 18.43
CA ARG A 222 30.26 15.28 18.27
C ARG A 222 31.64 15.95 18.36
N PHE A 223 31.72 17.23 18.02
CA PHE A 223 33.00 17.96 17.89
C PHE A 223 32.90 19.25 18.71
N PRO A 224 32.50 19.15 19.98
CA PRO A 224 32.18 20.37 20.75
C PRO A 224 33.35 21.32 20.93
N LYS A 225 34.59 20.88 20.73
CA LYS A 225 35.72 21.78 20.85
C LYS A 225 36.03 22.49 19.55
N ALA A 226 35.47 22.05 18.44
CA ALA A 226 35.67 22.74 17.17
C ALA A 226 35.04 24.12 17.25
N GLU A 227 35.70 25.10 16.65
CA GLU A 227 35.10 26.42 16.53
C GLU A 227 33.91 26.37 15.57
N PHE A 228 33.01 27.34 15.73
CA PHE A 228 31.81 27.41 14.91
C PHE A 228 32.16 27.48 13.43
N ALA A 229 33.21 28.22 13.08
CA ALA A 229 33.59 28.33 11.67
C ALA A 229 34.01 26.97 11.12
N GLU A 230 34.67 26.14 11.93
CA GLU A 230 35.06 24.82 11.45
C GLU A 230 33.84 23.90 11.30
N VAL A 231 32.92 23.94 12.26
CA VAL A 231 31.68 23.19 12.10
C VAL A 231 30.98 23.62 10.83
N SER A 232 30.89 24.93 10.60
N SER A 232 30.88 24.94 10.60
CA SER A 232 30.19 25.44 9.42
CA SER A 232 30.17 25.42 9.42
C SER A 232 30.83 24.93 8.14
C SER A 232 30.82 24.92 8.13
N LYS A 233 32.16 24.89 8.09
CA LYS A 233 32.85 24.38 6.93
C LYS A 233 32.53 22.89 6.70
N LEU A 234 32.59 22.09 7.76
CA LEU A 234 32.26 20.68 7.63
C LEU A 234 30.83 20.50 7.19
N VAL A 235 29.92 21.36 7.68
CA VAL A 235 28.51 21.22 7.33
C VAL A 235 28.32 21.51 5.84
N THR A 236 28.99 22.54 5.33
CA THR A 236 28.92 22.85 3.91
C THR A 236 29.43 21.69 3.08
N ASP A 237 30.57 21.11 3.50
CA ASP A 237 31.13 19.96 2.80
C ASP A 237 30.13 18.81 2.79
N LEU A 238 29.54 18.51 3.95
CA LEU A 238 28.69 17.36 4.12
C LEU A 238 27.35 17.54 3.40
N THR A 239 26.86 18.79 3.32
CA THR A 239 25.65 19.07 2.57
C THR A 239 25.83 18.77 1.10
N LYS A 240 27.01 19.06 0.55
CA LYS A 240 27.20 18.74 -0.86
C LYS A 240 27.26 17.22 -1.07
N VAL A 241 27.95 16.50 -0.20
CA VAL A 241 28.00 15.04 -0.32
C VAL A 241 26.59 14.45 -0.37
N HIS A 242 25.77 14.79 0.61
CA HIS A 242 24.45 14.21 0.70
C HIS A 242 23.49 14.77 -0.33
N THR A 243 23.64 16.04 -0.73
CA THR A 243 22.86 16.51 -1.87
C THR A 243 23.14 15.65 -3.09
N GLU A 244 24.41 15.34 -3.33
CA GLU A 244 24.78 14.57 -4.50
C GLU A 244 24.28 13.13 -4.42
N CYS A 245 24.46 12.46 -3.27
CA CYS A 245 23.95 11.11 -3.13
C CYS A 245 22.42 11.05 -3.27
N CYS A 246 21.73 12.02 -2.69
CA CYS A 246 20.27 12.01 -2.72
C CYS A 246 19.72 12.40 -4.10
N HIS A 247 20.53 13.02 -4.95
CA HIS A 247 20.16 13.40 -6.31
C HIS A 247 20.56 12.34 -7.30
N GLY A 248 21.06 11.21 -6.80
CA GLY A 248 21.53 10.16 -7.70
C GLY A 248 22.91 10.38 -8.24
N ASP A 249 23.63 11.41 -7.79
CA ASP A 249 25.00 11.66 -8.28
C ASP A 249 25.99 10.82 -7.45
N LEU A 250 25.95 9.51 -7.66
CA LEU A 250 26.61 8.66 -6.66
C LEU A 250 28.13 8.66 -6.80
N LEU A 251 28.64 8.73 -8.05
CA LEU A 251 30.08 8.78 -8.25
C LEU A 251 30.64 10.06 -7.64
N GLU A 252 29.95 11.18 -7.85
CA GLU A 252 30.39 12.44 -7.24
C GLU A 252 30.28 12.36 -5.73
N CYS A 253 29.18 11.80 -5.22
CA CYS A 253 29.01 11.69 -3.79
C CYS A 253 30.17 10.93 -3.15
N ALA A 254 30.56 9.81 -3.74
CA ALA A 254 31.59 8.98 -3.12
C ALA A 254 32.94 9.71 -3.16
N ASP A 255 33.25 10.34 -4.29
CA ASP A 255 34.48 11.10 -4.46
C ASP A 255 34.56 12.22 -3.44
N ASP A 256 33.48 13.01 -3.30
CA ASP A 256 33.45 14.10 -2.34
C ASP A 256 33.46 13.59 -0.90
N ARG A 257 32.87 12.41 -0.64
CA ARG A 257 32.96 11.90 0.72
C ARG A 257 34.39 11.52 1.09
N ALA A 258 35.11 10.94 0.12
CA ALA A 258 36.52 10.63 0.33
C ALA A 258 37.35 11.89 0.57
N ASP A 259 37.08 12.97 -0.17
CA ASP A 259 37.81 14.21 0.08
C ASP A 259 37.50 14.76 1.47
N LEU A 260 36.25 14.64 1.90
CA LEU A 260 35.89 15.14 3.23
C LEU A 260 36.61 14.37 4.32
N ALA A 261 36.65 13.04 4.20
CA ALA A 261 37.36 12.23 5.19
C ALA A 261 38.84 12.59 5.25
N LYS A 262 39.46 12.84 4.10
CA LYS A 262 40.87 13.25 4.08
C LYS A 262 41.03 14.63 4.70
N TYR A 263 40.15 15.57 4.35
CA TYR A 263 40.17 16.87 5.01
C TYR A 263 40.12 16.70 6.53
N ILE A 264 39.17 15.92 7.02
CA ILE A 264 39.04 15.75 8.47
C ILE A 264 40.31 15.18 9.04
N CYS A 265 40.88 14.15 8.40
CA CYS A 265 42.00 13.46 8.98
C CYS A 265 43.27 14.32 8.97
N GLU A 266 43.35 15.28 8.04
CA GLU A 266 44.43 16.25 7.95
C GLU A 266 44.18 17.47 8.82
N ASN A 267 43.08 17.51 9.58
CA ASN A 267 42.77 18.67 10.40
C ASN A 267 42.18 18.23 11.73
N GLN A 268 42.67 17.12 12.25
CA GLN A 268 42.11 16.59 13.50
C GLN A 268 42.19 17.59 14.63
N ASP A 269 43.29 18.35 14.70
CA ASP A 269 43.50 19.27 15.82
C ASP A 269 42.48 20.38 15.85
N SER A 270 41.83 20.67 14.72
CA SER A 270 40.76 21.68 14.68
C SER A 270 39.36 21.09 14.87
N ILE A 271 39.26 19.78 14.97
CA ILE A 271 37.94 19.14 14.93
C ILE A 271 37.69 18.31 16.19
N SER A 272 38.55 17.34 16.44
CA SER A 272 38.29 16.46 17.58
C SER A 272 39.54 15.65 17.91
N SER A 273 39.65 15.28 19.18
CA SER A 273 40.75 14.46 19.65
C SER A 273 40.45 12.97 19.56
N LYS A 274 39.31 12.58 19.01
CA LYS A 274 38.88 11.19 19.01
C LYS A 274 39.13 10.49 17.68
N LEU A 275 39.87 11.11 16.77
CA LEU A 275 39.91 10.67 15.39
C LEU A 275 41.16 9.92 15.00
N LYS A 276 42.14 9.79 15.89
CA LYS A 276 43.45 9.34 15.44
C LYS A 276 43.37 7.96 14.80
N GLU A 277 42.76 7.01 15.52
CA GLU A 277 42.66 5.64 15.02
C GLU A 277 41.84 5.56 13.73
N CYS A 278 40.69 6.27 13.67
CA CYS A 278 39.88 6.25 12.44
C CYS A 278 40.74 6.63 11.26
N CYS A 279 41.55 7.67 11.42
CA CYS A 279 42.30 8.26 10.31
C CYS A 279 43.52 7.43 9.95
N GLU A 280 43.73 6.28 10.58
CA GLU A 280 44.76 5.34 10.14
C GLU A 280 44.19 4.17 9.35
N LYS A 281 42.86 4.06 9.24
CA LYS A 281 42.28 2.95 8.50
C LYS A 281 42.30 3.19 6.99
N PRO A 282 42.12 2.13 6.22
CA PRO A 282 41.85 2.30 4.77
C PRO A 282 40.54 3.03 4.51
N LEU A 283 40.37 3.41 3.24
CA LEU A 283 39.44 4.48 2.87
C LEU A 283 38.03 4.24 3.40
N LEU A 284 37.42 3.09 3.10
CA LEU A 284 36.02 2.90 3.47
C LEU A 284 35.85 2.78 4.98
N GLU A 285 36.73 2.02 5.64
CA GLU A 285 36.68 1.95 7.10
C GLU A 285 36.92 3.33 7.72
N LYS A 286 37.83 4.12 7.15
CA LYS A 286 38.10 5.48 7.65
C LYS A 286 36.83 6.33 7.66
N SER A 287 36.15 6.41 6.51
CA SER A 287 34.95 7.22 6.42
C SER A 287 33.88 6.72 7.37
N HIS A 288 33.73 5.40 7.47
CA HIS A 288 32.75 4.83 8.38
C HIS A 288 33.09 5.17 9.82
N CYS A 289 34.35 4.99 10.19
CA CYS A 289 34.82 5.26 11.54
C CYS A 289 34.60 6.73 11.89
N ILE A 290 34.89 7.63 10.95
CA ILE A 290 34.68 9.05 11.23
C ILE A 290 33.22 9.32 11.53
N ALA A 291 32.31 8.67 10.81
CA ALA A 291 30.89 8.96 10.98
C ALA A 291 30.35 8.42 12.30
N GLU A 292 31.00 7.41 12.87
CA GLU A 292 30.52 6.75 14.08
C GLU A 292 31.31 7.14 15.33
N VAL A 293 32.37 7.95 15.20
CA VAL A 293 33.29 8.09 16.33
C VAL A 293 32.59 8.74 17.51
N GLU A 294 33.12 8.49 18.68
CA GLU A 294 32.51 9.02 19.88
C GLU A 294 32.78 10.52 20.00
N ASN A 295 31.89 11.17 20.72
CA ASN A 295 31.97 12.60 20.93
C ASN A 295 33.27 12.95 21.64
N ASP A 296 33.84 14.10 21.28
CA ASP A 296 34.90 14.69 22.05
C ASP A 296 34.34 15.20 23.37
N GLU A 297 35.23 15.44 24.33
CA GLU A 297 34.81 16.08 25.56
C GLU A 297 34.60 17.54 25.28
N MET A 298 33.58 18.10 25.85
CA MET A 298 33.32 19.49 25.65
C MET A 298 34.31 20.37 26.44
N PRO A 299 34.49 21.61 26.02
CA PRO A 299 35.35 22.52 26.79
C PRO A 299 34.95 22.52 28.26
N ALA A 300 35.97 22.66 29.12
CA ALA A 300 35.80 22.41 30.54
C ALA A 300 34.82 23.38 31.19
N ASP A 301 34.89 24.66 30.81
CA ASP A 301 34.13 25.71 31.53
C ASP A 301 33.50 26.65 30.51
N LEU A 302 32.28 26.31 30.08
CA LEU A 302 31.53 27.13 29.15
C LEU A 302 30.64 28.11 29.90
N PRO A 303 30.58 29.36 29.47
CA PRO A 303 29.56 30.28 30.00
C PRO A 303 28.13 29.81 29.71
N SER A 304 27.20 30.43 30.41
CA SER A 304 25.78 30.30 30.05
C SER A 304 25.52 30.94 28.68
N LEU A 305 24.47 30.45 28.02
CA LEU A 305 24.06 31.08 26.77
C LEU A 305 23.35 32.39 27.02
N ALA A 306 22.93 32.63 28.26
CA ALA A 306 22.23 33.88 28.58
C ALA A 306 23.03 35.08 28.11
N ALA A 307 24.33 35.09 28.40
CA ALA A 307 25.16 36.25 28.07
C ALA A 307 24.94 36.68 26.63
N ASP A 308 25.12 35.74 25.69
CA ASP A 308 25.13 36.11 24.27
C ASP A 308 23.75 36.09 23.63
N PHE A 309 22.83 35.23 24.05
CA PHE A 309 21.58 35.10 23.33
C PHE A 309 20.38 35.67 24.06
N VAL A 310 20.54 36.03 25.33
CA VAL A 310 19.46 36.57 26.16
C VAL A 310 19.80 37.99 26.59
N GLU A 311 20.91 38.12 27.33
CA GLU A 311 21.23 39.35 28.05
C GLU A 311 21.87 40.40 27.15
N SER A 312 22.85 40.01 26.33
CA SER A 312 23.63 40.99 25.59
C SER A 312 22.73 41.98 24.86
N LYS A 313 23.24 43.21 24.71
CA LYS A 313 22.45 44.31 24.19
C LYS A 313 22.27 44.21 22.68
N ASP A 314 23.19 43.55 21.99
CA ASP A 314 23.18 43.48 20.54
C ASP A 314 22.41 42.29 19.97
N VAL A 315 21.81 41.45 20.83
CA VAL A 315 21.10 40.26 20.38
C VAL A 315 20.34 40.57 19.11
N CYS A 316 19.37 41.50 19.15
CA CYS A 316 18.62 41.72 17.93
C CYS A 316 19.49 42.32 16.83
N LYS A 317 20.61 42.97 17.19
CA LYS A 317 21.52 43.51 16.19
C LYS A 317 22.18 42.40 15.39
N ASN A 318 22.82 41.46 16.09
CA ASN A 318 23.47 40.34 15.42
C ASN A 318 22.46 39.49 14.65
N TYR A 319 21.29 39.24 15.23
CA TYR A 319 20.28 38.45 14.55
C TYR A 319 19.96 39.06 13.20
N ALA A 320 19.60 40.34 13.19
CA ALA A 320 19.09 40.94 11.96
C ALA A 320 20.14 41.00 10.86
N GLU A 321 21.41 41.11 11.21
CA GLU A 321 22.38 41.20 10.13
C GLU A 321 22.78 39.82 9.58
N ALA A 322 22.58 38.75 10.35
CA ALA A 322 22.84 37.42 9.76
C ALA A 322 22.00 36.38 10.51
N LYS A 323 20.69 36.36 10.20
CA LYS A 323 19.72 35.63 11.02
C LYS A 323 20.08 34.15 11.12
N ASP A 324 20.43 33.50 9.98
CA ASP A 324 20.71 32.06 10.04
C ASP A 324 22.08 31.76 10.64
N VAL A 325 23.01 32.69 10.54
CA VAL A 325 24.30 32.49 11.17
C VAL A 325 24.15 32.62 12.69
N PHE A 326 23.31 33.55 13.12
CA PHE A 326 23.12 33.74 14.55
C PHE A 326 22.36 32.55 15.15
N LEU A 327 21.33 32.09 14.46
CA LEU A 327 20.63 30.86 14.88
C LEU A 327 21.55 29.63 14.79
N GLY A 328 22.42 29.59 13.79
CA GLY A 328 23.38 28.51 13.74
C GLY A 328 24.31 28.51 14.95
N MET A 329 24.80 29.69 15.31
CA MET A 329 25.64 29.74 16.51
C MET A 329 24.85 29.41 17.71
N PHE A 330 23.56 29.78 17.78
CA PHE A 330 22.74 29.34 18.90
C PHE A 330 22.67 27.81 18.95
N LEU A 331 22.47 27.17 17.80
N LEU A 331 22.46 27.16 17.80
CA LEU A 331 22.37 25.72 17.74
CA LEU A 331 22.37 25.71 17.76
C LEU A 331 23.70 25.06 18.08
C LEU A 331 23.70 25.08 18.12
N TYR A 332 24.80 25.64 17.61
CA TYR A 332 26.12 25.12 17.93
C TYR A 332 26.39 25.25 19.42
N GLU A 333 26.12 26.43 20.01
CA GLU A 333 26.39 26.56 21.43
C GLU A 333 25.50 25.64 22.25
N TYR A 334 24.20 25.56 21.91
CA TYR A 334 23.30 24.70 22.69
C TYR A 334 23.65 23.22 22.50
N ALA A 335 23.98 22.83 21.28
CA ALA A 335 24.19 21.42 21.00
C ALA A 335 25.49 20.90 21.60
N ARG A 336 26.59 21.68 21.52
CA ARG A 336 27.84 21.17 22.07
C ARG A 336 27.75 21.01 23.58
N ARG A 337 26.90 21.80 24.24
CA ARG A 337 26.68 21.64 25.67
C ARG A 337 25.72 20.52 26.02
N HIS A 338 25.01 19.93 25.04
CA HIS A 338 23.98 18.92 25.31
C HIS A 338 24.07 17.75 24.34
N PRO A 339 25.12 16.94 24.47
CA PRO A 339 25.30 15.83 23.51
C PRO A 339 24.29 14.74 23.66
N ASP A 340 23.56 14.72 24.77
CA ASP A 340 22.59 13.65 25.00
C ASP A 340 21.19 14.01 24.53
N TYR A 341 20.97 15.24 24.11
CA TYR A 341 19.71 15.60 23.48
C TYR A 341 19.59 15.02 22.09
N SER A 342 18.36 14.69 21.70
CA SER A 342 18.05 14.42 20.31
C SER A 342 18.18 15.70 19.49
N VAL A 343 18.70 15.56 18.28
CA VAL A 343 18.89 16.74 17.44
C VAL A 343 17.57 17.39 17.09
N VAL A 344 16.52 16.59 16.84
CA VAL A 344 15.28 17.23 16.43
C VAL A 344 14.73 18.10 17.57
N LEU A 345 14.93 17.69 18.82
CA LEU A 345 14.51 18.54 19.93
C LEU A 345 15.32 19.83 19.98
N LEU A 346 16.64 19.71 19.87
CA LEU A 346 17.49 20.88 19.69
C LEU A 346 16.95 21.80 18.61
N LEU A 347 16.54 21.24 17.46
CA LEU A 347 16.01 22.10 16.40
C LEU A 347 14.71 22.78 16.80
N ARG A 348 13.87 22.10 17.58
CA ARG A 348 12.64 22.75 18.06
C ARG A 348 12.98 23.90 18.98
N LEU A 349 14.01 23.74 19.79
CA LEU A 349 14.42 24.86 20.65
C LEU A 349 14.88 26.04 19.81
N ALA A 350 15.73 25.77 18.80
CA ALA A 350 16.19 26.85 17.96
C ALA A 350 15.05 27.48 17.20
N LYS A 351 14.04 26.69 16.80
CA LYS A 351 12.89 27.27 16.12
C LYS A 351 12.06 28.16 17.05
N THR A 352 11.93 27.75 18.32
CA THR A 352 11.24 28.56 19.30
C THR A 352 11.97 29.87 19.53
N TYR A 353 13.27 29.79 19.70
CA TYR A 353 14.11 30.96 19.85
C TYR A 353 13.95 31.90 18.68
N GLU A 354 14.00 31.37 17.45
CA GLU A 354 13.81 32.17 16.24
C GLU A 354 12.47 32.91 16.27
N THR A 355 11.40 32.18 16.60
CA THR A 355 10.06 32.76 16.63
C THR A 355 9.97 33.89 17.64
N THR A 356 10.65 33.72 18.77
CA THR A 356 10.63 34.72 19.82
C THR A 356 11.40 35.96 19.41
N LEU A 357 12.53 35.79 18.69
CA LEU A 357 13.29 36.95 18.24
C LEU A 357 12.60 37.65 17.08
N GLU A 358 11.95 36.88 16.21
CA GLU A 358 11.15 37.49 15.14
C GLU A 358 10.10 38.44 15.70
N LYS A 359 9.41 38.00 16.75
CA LYS A 359 8.37 38.84 17.35
C LYS A 359 8.98 39.96 18.19
N CYS A 360 9.92 39.63 19.09
CA CYS A 360 10.31 40.60 20.11
C CYS A 360 11.19 41.71 19.54
N CYS A 361 12.05 41.42 18.55
CA CYS A 361 12.96 42.47 18.10
C CYS A 361 12.21 43.58 17.36
N ALA A 362 10.96 43.34 16.94
CA ALA A 362 10.08 44.41 16.48
C ALA A 362 9.46 45.19 17.63
N ALA A 363 9.42 44.61 18.82
CA ALA A 363 8.61 45.11 19.91
C ALA A 363 9.25 46.34 20.55
N ALA A 364 8.55 46.89 21.55
CA ALA A 364 8.94 48.14 22.20
C ALA A 364 10.29 48.00 22.90
N ASP A 365 10.38 47.12 23.89
CA ASP A 365 11.63 46.82 24.60
C ASP A 365 11.98 45.35 24.40
N PRO A 366 12.74 45.03 23.36
CA PRO A 366 13.05 43.60 23.10
C PRO A 366 13.56 42.83 24.31
N HIS A 367 14.55 43.36 25.03
CA HIS A 367 15.14 42.60 26.13
C HIS A 367 14.09 42.15 27.12
N GLU A 368 13.03 42.92 27.31
CA GLU A 368 12.00 42.48 28.24
C GLU A 368 11.05 41.49 27.60
N CYS A 369 10.90 41.55 26.28
CA CYS A 369 9.99 40.64 25.58
C CYS A 369 10.57 39.23 25.52
N TYR A 370 11.89 39.09 25.46
CA TYR A 370 12.53 37.79 25.27
C TYR A 370 13.42 37.38 26.43
N ALA A 371 13.33 38.06 27.57
CA ALA A 371 14.22 37.76 28.69
C ALA A 371 13.91 36.39 29.28
N LYS A 372 12.69 35.90 29.14
CA LYS A 372 12.32 34.60 29.65
C LYS A 372 12.25 33.53 28.54
N VAL A 373 12.90 33.78 27.40
CA VAL A 373 12.78 32.85 26.27
C VAL A 373 13.22 31.45 26.67
N PHE A 374 14.28 31.33 27.46
CA PHE A 374 14.74 29.98 27.80
C PHE A 374 13.72 29.19 28.63
N ASP A 375 12.81 29.86 29.31
CA ASP A 375 11.73 29.17 29.99
C ASP A 375 10.83 28.42 29.00
N GLU A 376 10.63 28.98 27.80
CA GLU A 376 9.84 28.29 26.79
C GLU A 376 10.42 26.92 26.42
N PHE A 377 11.67 26.65 26.78
CA PHE A 377 12.26 25.37 26.39
C PHE A 377 11.82 24.24 27.31
N LYS A 378 11.46 24.57 28.55
CA LYS A 378 11.12 23.56 29.54
C LYS A 378 9.98 22.67 29.08
N PRO A 379 8.85 23.20 28.61
CA PRO A 379 7.79 22.33 28.08
C PRO A 379 8.20 21.51 26.86
N LEU A 380 9.06 22.08 25.99
CA LEU A 380 9.50 21.35 24.80
C LEU A 380 10.28 20.12 25.19
N VAL A 381 10.96 20.15 26.33
CA VAL A 381 11.61 18.94 26.81
C VAL A 381 10.62 18.03 27.53
N GLU A 382 9.62 18.61 28.22
CA GLU A 382 8.74 17.84 29.09
C GLU A 382 7.72 17.02 28.31
N GLU A 383 7.12 17.58 27.26
CA GLU A 383 6.15 16.83 26.47
C GLU A 383 6.74 15.55 25.95
N PRO A 384 7.88 15.56 25.24
CA PRO A 384 8.43 14.28 24.76
C PRO A 384 8.71 13.32 25.87
N GLN A 385 9.14 13.80 27.04
CA GLN A 385 9.53 12.86 28.09
C GLN A 385 8.32 12.16 28.68
N ASN A 386 7.22 12.89 28.82
CA ASN A 386 5.96 12.29 29.27
C ASN A 386 5.45 11.28 28.26
N LEU A 387 5.44 11.64 26.98
CA LEU A 387 5.04 10.71 25.91
C LEU A 387 5.77 9.38 26.03
N ILE A 388 7.10 9.42 26.08
CA ILE A 388 7.85 8.17 26.06
C ILE A 388 7.70 7.44 27.38
N LYS A 389 7.51 8.16 28.48
CA LYS A 389 7.23 7.49 29.74
C LYS A 389 5.93 6.71 29.62
N GLN A 390 4.85 7.36 29.18
CA GLN A 390 3.58 6.67 29.02
C GLN A 390 3.71 5.44 28.11
N ASN A 391 4.40 5.61 26.99
CA ASN A 391 4.45 4.52 26.03
C ASN A 391 5.30 3.37 26.52
N CYS A 392 6.38 3.66 27.25
CA CYS A 392 7.17 2.56 27.78
C CYS A 392 6.46 1.83 28.89
N GLU A 393 5.65 2.53 29.70
CA GLU A 393 4.83 1.85 30.70
C GLU A 393 3.84 0.92 30.01
N LEU A 394 3.11 1.48 29.03
CA LEU A 394 2.20 0.65 28.26
C LEU A 394 2.92 -0.52 27.64
N PHE A 395 4.12 -0.27 27.11
CA PHE A 395 4.88 -1.35 26.50
C PHE A 395 5.25 -2.44 27.49
N GLU A 396 5.67 -2.04 28.70
CA GLU A 396 6.09 -3.06 29.65
C GLU A 396 4.89 -3.80 30.24
N GLN A 397 3.75 -3.12 30.41
CA GLN A 397 2.53 -3.81 30.81
C GLN A 397 2.08 -4.81 29.73
N LEU A 398 2.04 -4.36 28.47
CA LEU A 398 1.35 -5.14 27.44
C LEU A 398 2.22 -6.16 26.74
N GLY A 399 3.52 -5.91 26.64
CA GLY A 399 4.36 -6.72 25.79
C GLY A 399 4.19 -6.31 24.32
N GLU A 400 4.95 -6.98 23.47
CA GLU A 400 5.21 -6.49 22.12
C GLU A 400 3.96 -6.50 21.25
N TYR A 401 3.25 -7.63 21.21
CA TYR A 401 2.14 -7.75 20.26
C TYR A 401 0.96 -6.88 20.68
N LYS A 402 0.60 -6.88 21.95
CA LYS A 402 -0.50 -6.04 22.40
C LYS A 402 -0.14 -4.57 22.38
N PHE A 403 1.13 -4.23 22.57
CA PHE A 403 1.56 -2.83 22.46
C PHE A 403 1.35 -2.35 21.03
N GLN A 404 1.78 -3.16 20.06
CA GLN A 404 1.49 -2.89 18.66
C GLN A 404 -0.01 -2.75 18.43
N ASN A 405 -0.83 -3.63 19.03
CA ASN A 405 -2.26 -3.55 18.80
C ASN A 405 -2.84 -2.26 19.33
N ALA A 406 -2.29 -1.76 20.44
CA ALA A 406 -2.75 -0.48 20.97
C ALA A 406 -2.37 0.65 20.04
N LEU A 407 -1.17 0.60 19.45
CA LEU A 407 -0.78 1.64 18.52
C LEU A 407 -1.55 1.56 17.23
N LEU A 408 -1.85 0.32 16.78
CA LEU A 408 -2.73 0.08 15.63
C LEU A 408 -4.08 0.74 15.83
N VAL A 409 -4.67 0.61 17.01
CA VAL A 409 -5.94 1.27 17.25
C VAL A 409 -5.77 2.78 17.22
N ARG A 410 -4.71 3.27 17.84
CA ARG A 410 -4.46 4.72 17.87
C ARG A 410 -4.29 5.30 16.48
N TYR A 411 -3.57 4.59 15.60
CA TYR A 411 -3.32 5.13 14.27
C TYR A 411 -4.49 4.92 13.34
N THR A 412 -5.31 3.89 13.57
CA THR A 412 -6.56 3.81 12.81
C THR A 412 -7.49 4.94 13.16
N LYS A 413 -7.59 5.26 14.45
CA LYS A 413 -8.39 6.41 14.88
C LYS A 413 -7.86 7.71 14.29
N LYS A 414 -6.54 7.86 14.20
CA LYS A 414 -5.96 9.09 13.64
C LYS A 414 -6.08 9.16 12.11
N VAL A 415 -5.86 8.04 11.43
CA VAL A 415 -5.79 8.01 9.96
C VAL A 415 -6.65 6.86 9.45
N PRO A 416 -7.98 6.88 9.68
CA PRO A 416 -8.82 5.78 9.19
C PRO A 416 -8.90 5.71 7.67
N GLN A 417 -8.48 6.75 6.95
CA GLN A 417 -8.40 6.68 5.50
C GLN A 417 -7.31 5.75 5.00
N MET A 418 -6.38 5.33 5.87
CA MET A 418 -5.37 4.35 5.43
C MET A 418 -5.97 2.97 5.38
N SER A 419 -5.41 2.11 4.53
CA SER A 419 -5.85 0.72 4.46
C SER A 419 -5.26 -0.10 5.60
N ALA A 420 -5.92 -1.22 5.92
CA ALA A 420 -5.46 -2.09 7.00
C ALA A 420 -4.01 -2.48 6.83
N PRO A 421 -3.55 -2.92 5.66
CA PRO A 421 -2.14 -3.26 5.49
C PRO A 421 -1.21 -2.08 5.82
N THR A 422 -1.58 -0.87 5.42
CA THR A 422 -0.74 0.28 5.74
C THR A 422 -0.68 0.52 7.25
N LEU A 423 -1.83 0.50 7.91
CA LEU A 423 -1.94 0.71 9.35
C LEU A 423 -1.20 -0.38 10.13
N VAL A 424 -1.34 -1.62 9.70
CA VAL A 424 -0.62 -2.70 10.36
C VAL A 424 0.87 -2.44 10.30
N GLU A 425 1.37 -2.07 9.12
CA GLU A 425 2.80 -1.84 8.95
C GLU A 425 3.26 -0.62 9.73
N VAL A 426 2.47 0.46 9.73
CA VAL A 426 2.82 1.63 10.53
C VAL A 426 2.92 1.24 12.01
N SER A 427 1.93 0.53 12.51
CA SER A 427 1.90 0.17 13.92
C SER A 427 3.06 -0.76 14.27
N ARG A 428 3.43 -1.64 13.35
CA ARG A 428 4.59 -2.49 13.62
C ARG A 428 5.85 -1.65 13.72
N ASN A 429 6.04 -0.71 12.82
CA ASN A 429 7.24 0.11 12.86
C ASN A 429 7.26 0.98 14.11
N LEU A 430 6.15 1.60 14.45
CA LEU A 430 6.09 2.38 15.68
C LEU A 430 6.37 1.53 16.91
N GLY A 431 5.85 0.30 16.94
CA GLY A 431 5.99 -0.51 18.13
C GLY A 431 7.40 -0.97 18.42
N LYS A 432 8.23 -1.06 17.40
CA LYS A 432 9.64 -1.38 17.60
C LYS A 432 10.33 -0.34 18.47
N VAL A 433 9.80 0.89 18.54
CA VAL A 433 10.35 1.87 19.47
C VAL A 433 10.39 1.31 20.88
N GLY A 434 9.50 0.33 21.17
CA GLY A 434 9.41 -0.36 22.44
C GLY A 434 10.68 -1.08 22.80
N SER A 435 11.05 -2.08 22.00
N SER A 435 11.07 -2.05 21.97
CA SER A 435 12.30 -2.79 22.24
CA SER A 435 12.29 -2.82 22.19
C SER A 435 13.50 -1.89 22.04
C SER A 435 13.55 -2.05 21.86
N LYS A 436 13.47 -1.02 21.03
CA LYS A 436 14.67 -0.26 20.71
C LYS A 436 14.99 0.74 21.82
N CYS A 437 13.98 1.35 22.38
CA CYS A 437 14.23 2.48 23.26
C CYS A 437 13.80 2.27 24.70
N CYS A 438 12.73 1.54 24.97
CA CYS A 438 12.25 1.45 26.34
C CYS A 438 13.18 0.64 27.23
N LYS A 439 14.03 -0.17 26.64
CA LYS A 439 14.98 -0.97 27.41
C LYS A 439 16.19 -0.17 27.85
N HIS A 440 16.41 1.00 27.29
CA HIS A 440 17.58 1.77 27.63
C HIS A 440 17.41 2.36 29.02
N PRO A 441 18.51 2.85 29.60
CA PRO A 441 18.37 3.68 30.81
C PRO A 441 17.35 4.77 30.58
N GLU A 442 16.62 5.07 31.65
CA GLU A 442 15.63 6.13 31.72
C GLU A 442 16.04 7.36 30.90
N ALA A 443 17.27 7.82 31.14
CA ALA A 443 17.69 9.10 30.58
C ALA A 443 17.86 9.05 29.07
N LYS A 444 18.14 7.89 28.52
CA LYS A 444 18.37 7.79 27.10
C LYS A 444 17.10 7.41 26.33
N ARG A 445 15.97 7.23 27.01
CA ARG A 445 14.78 6.72 26.36
C ARG A 445 14.16 7.75 25.43
N MET A 446 14.08 9.02 25.86
CA MET A 446 13.37 10.02 25.08
C MET A 446 14.19 10.41 23.84
N PRO A 447 15.51 10.63 23.93
CA PRO A 447 16.26 10.92 22.68
C PRO A 447 16.21 9.78 21.67
N CYS A 448 16.41 8.54 22.11
CA CYS A 448 16.24 7.37 21.26
C CYS A 448 14.89 7.40 20.53
N ALA A 449 13.82 7.66 21.28
CA ALA A 449 12.48 7.59 20.72
C ALA A 449 12.21 8.73 19.76
N GLU A 450 12.57 9.98 20.12
CA GLU A 450 12.39 11.06 19.15
C GLU A 450 13.15 10.77 17.86
N ASP A 451 14.37 10.24 17.99
CA ASP A 451 15.17 9.94 16.81
C ASP A 451 14.53 8.82 15.99
N TYR A 452 14.07 7.76 16.65
CA TYR A 452 13.51 6.66 15.88
C TYR A 452 12.17 7.04 15.25
N LEU A 453 11.33 7.75 15.99
CA LEU A 453 10.05 8.16 15.47
C LEU A 453 10.21 9.11 14.28
N SER A 454 11.24 9.95 14.28
N SER A 454 11.24 9.94 14.28
CA SER A 454 11.47 10.83 13.15
CA SER A 454 11.46 10.83 13.14
C SER A 454 11.64 10.04 11.86
C SER A 454 11.62 10.03 11.86
N VAL A 455 12.34 8.90 11.92
CA VAL A 455 12.56 8.14 10.69
C VAL A 455 11.33 7.28 10.34
N VAL A 456 10.58 6.78 11.33
CA VAL A 456 9.37 6.04 11.03
C VAL A 456 8.34 6.96 10.38
N LEU A 457 8.13 8.15 10.96
CA LEU A 457 7.15 9.07 10.41
C LEU A 457 7.58 9.55 9.04
N ASN A 458 8.89 9.75 8.84
CA ASN A 458 9.34 10.19 7.52
C ASN A 458 9.05 9.12 6.48
N GLN A 459 9.23 7.85 6.84
CA GLN A 459 8.92 6.78 5.89
C GLN A 459 7.44 6.78 5.52
N LEU A 460 6.56 6.96 6.50
N LEU A 460 6.56 6.95 6.50
CA LEU A 460 5.14 7.14 6.22
CA LEU A 460 5.14 7.15 6.23
C LEU A 460 4.90 8.36 5.35
C LEU A 460 4.90 8.36 5.35
N CYS A 461 5.57 9.48 5.65
CA CYS A 461 5.34 10.71 4.90
C CYS A 461 5.78 10.58 3.44
N VAL A 462 6.95 9.98 3.17
CA VAL A 462 7.38 9.95 1.77
C VAL A 462 6.45 9.05 0.95
N LEU A 463 5.91 8.00 1.56
CA LEU A 463 4.91 7.18 0.86
C LEU A 463 3.58 7.89 0.75
N HIS A 464 3.09 8.54 1.82
CA HIS A 464 1.81 9.23 1.72
C HIS A 464 1.82 10.32 0.62
N GLU A 465 2.94 10.99 0.45
CA GLU A 465 3.02 12.10 -0.52
C GLU A 465 2.67 11.62 -1.92
N LYS A 466 3.06 10.40 -2.26
CA LYS A 466 2.79 9.86 -3.58
C LYS A 466 1.36 9.37 -3.73
N THR A 467 0.72 8.90 -2.65
CA THR A 467 -0.67 8.42 -2.76
C THR A 467 -1.45 8.89 -1.55
N PRO A 468 -1.70 10.20 -1.48
CA PRO A 468 -2.29 10.75 -0.26
C PRO A 468 -3.75 10.36 -0.06
N VAL A 469 -4.09 10.09 1.20
CA VAL A 469 -5.46 9.76 1.56
C VAL A 469 -5.96 10.52 2.79
N SER A 470 -5.10 11.12 3.60
CA SER A 470 -5.57 11.96 4.71
C SER A 470 -4.97 13.36 4.62
N ASP A 471 -5.85 14.37 4.58
CA ASP A 471 -5.38 15.75 4.62
C ASP A 471 -4.61 16.05 5.91
N ARG A 472 -5.00 15.42 7.02
CA ARG A 472 -4.29 15.68 8.29
C ARG A 472 -2.88 15.12 8.25
N VAL A 473 -2.69 13.97 7.59
CA VAL A 473 -1.34 13.46 7.43
C VAL A 473 -0.55 14.40 6.53
N THR A 474 -1.16 14.87 5.44
CA THR A 474 -0.45 15.77 4.54
C THR A 474 -0.01 17.02 5.29
N LYS A 475 -0.87 17.56 6.18
CA LYS A 475 -0.48 18.73 6.95
C LYS A 475 0.68 18.42 7.89
N CYS A 476 0.63 17.29 8.59
CA CYS A 476 1.70 16.97 9.51
C CYS A 476 3.01 16.73 8.78
N CYS A 477 2.94 16.15 7.58
CA CYS A 477 4.16 15.80 6.85
C CYS A 477 4.80 17.01 6.22
N THR A 478 4.02 18.01 5.84
CA THR A 478 4.57 19.09 5.03
C THR A 478 4.78 20.38 5.81
N GLU A 479 4.25 20.50 7.01
CA GLU A 479 4.27 21.79 7.70
C GLU A 479 5.68 22.16 8.13
N SER A 480 6.27 21.33 8.97
CA SER A 480 7.62 21.62 9.47
C SER A 480 8.18 20.31 9.94
N LEU A 481 9.30 19.91 9.33
CA LEU A 481 9.98 18.66 9.64
C LEU A 481 10.17 18.44 11.13
N VAL A 482 10.59 19.48 11.86
CA VAL A 482 10.99 19.26 13.25
C VAL A 482 9.81 19.06 14.17
N ASN A 483 8.62 19.50 13.77
CA ASN A 483 7.40 19.33 14.56
C ASN A 483 6.54 18.16 14.09
N ARG A 484 7.05 17.30 13.23
CA ARG A 484 6.27 16.16 12.74
C ARG A 484 5.79 15.26 13.86
N ARG A 485 6.70 14.85 14.74
CA ARG A 485 6.29 13.89 15.76
C ARG A 485 5.24 14.49 16.68
N PRO A 486 5.44 15.70 17.25
CA PRO A 486 4.35 16.31 18.02
C PRO A 486 3.09 16.46 17.22
N CYS A 487 3.20 16.84 15.93
CA CYS A 487 2.01 16.99 15.10
C CYS A 487 1.21 15.68 15.05
N PHE A 488 1.89 14.55 14.82
CA PHE A 488 1.16 13.29 14.75
C PHE A 488 0.63 12.91 16.12
N SER A 489 1.39 13.16 17.18
CA SER A 489 0.91 12.82 18.52
C SER A 489 -0.39 13.56 18.84
N ALA A 490 -0.51 14.82 18.40
CA ALA A 490 -1.68 15.61 18.75
C ALA A 490 -2.94 15.17 18.01
N LEU A 491 -2.80 14.42 16.92
CA LEU A 491 -3.96 14.00 16.15
C LEU A 491 -4.94 13.22 17.03
N GLU A 492 -6.16 13.72 17.13
CA GLU A 492 -7.23 13.01 17.81
C GLU A 492 -8.03 12.16 16.81
N VAL A 493 -8.97 11.37 17.30
CA VAL A 493 -9.79 10.57 16.40
C VAL A 493 -10.38 11.46 15.33
N ASP A 494 -10.32 11.00 14.08
CA ASP A 494 -10.77 11.79 12.94
C ASP A 494 -12.27 11.69 12.81
N GLU A 495 -12.95 12.75 13.23
CA GLU A 495 -14.41 12.77 13.22
C GLU A 495 -15.01 13.05 11.84
N THR A 496 -14.19 13.39 10.83
CA THR A 496 -14.72 13.57 9.48
C THR A 496 -14.86 12.26 8.73
N TYR A 497 -14.19 11.21 9.17
CA TYR A 497 -14.28 9.90 8.54
C TYR A 497 -15.69 9.32 8.65
N VAL A 498 -16.28 8.96 7.52
CA VAL A 498 -17.59 8.31 7.53
C VAL A 498 -17.39 6.83 7.83
N PRO A 499 -17.92 6.32 8.94
CA PRO A 499 -17.66 4.92 9.30
C PRO A 499 -18.18 3.94 8.26
N LYS A 500 -17.49 2.82 8.14
CA LYS A 500 -17.99 1.69 7.37
C LYS A 500 -19.26 1.14 8.01
N GLU A 501 -20.18 0.71 7.18
CA GLU A 501 -21.42 0.12 7.66
C GLU A 501 -21.27 -1.40 7.77
N PHE A 502 -21.86 -1.97 8.81
CA PHE A 502 -21.95 -3.41 8.92
C PHE A 502 -22.97 -3.94 7.91
N ASN A 503 -22.67 -5.10 7.33
CA ASN A 503 -23.61 -5.79 6.46
C ASN A 503 -23.33 -7.28 6.58
N ALA A 504 -24.20 -8.08 5.94
CA ALA A 504 -24.16 -9.52 6.14
C ALA A 504 -22.83 -10.12 5.73
N GLY A 505 -22.07 -9.43 4.89
CA GLY A 505 -20.78 -9.89 4.43
C GLY A 505 -19.58 -9.23 5.08
N THR A 506 -19.77 -8.48 6.17
CA THR A 506 -18.64 -7.79 6.80
C THR A 506 -17.57 -8.76 7.24
N PHE A 507 -17.96 -9.92 7.75
CA PHE A 507 -17.01 -10.98 8.10
C PHE A 507 -17.20 -12.21 7.21
N THR A 508 -16.61 -12.18 6.03
CA THR A 508 -16.64 -13.26 5.06
C THR A 508 -15.28 -13.93 5.02
N PHE A 509 -15.23 -15.20 5.46
CA PHE A 509 -14.00 -15.98 5.47
C PHE A 509 -14.16 -17.30 4.71
N HIS A 510 -13.03 -17.85 4.26
CA HIS A 510 -12.98 -19.20 3.72
C HIS A 510 -12.18 -20.11 4.65
N ALA A 511 -12.15 -21.39 4.30
CA ALA A 511 -11.52 -22.37 5.19
C ALA A 511 -10.00 -22.21 5.23
N ASP A 512 -9.41 -21.46 4.28
CA ASP A 512 -7.95 -21.31 4.24
C ASP A 512 -7.40 -20.70 5.52
N ILE A 513 -8.22 -19.95 6.26
CA ILE A 513 -7.71 -19.34 7.47
C ILE A 513 -7.46 -20.35 8.59
N CYS A 514 -8.04 -21.55 8.52
CA CYS A 514 -7.86 -22.56 9.55
C CYS A 514 -6.50 -23.25 9.46
N THR A 515 -5.75 -22.99 8.40
CA THR A 515 -4.50 -23.69 8.13
C THR A 515 -3.26 -22.81 8.35
N LEU A 516 -3.41 -21.60 8.88
CA LEU A 516 -2.33 -20.63 8.86
C LEU A 516 -1.44 -20.69 10.11
N SER A 517 -0.22 -20.13 9.96
CA SER A 517 0.72 -19.96 11.06
C SER A 517 0.34 -18.75 11.91
N GLU A 518 0.38 -18.89 13.21
CA GLU A 518 -0.35 -17.84 13.91
C GLU A 518 0.41 -16.56 13.97
N LYS A 519 1.57 -16.39 13.33
CA LYS A 519 1.91 -15.04 12.92
C LYS A 519 1.00 -14.57 11.80
N GLU A 520 0.59 -15.49 10.91
CA GLU A 520 -0.41 -15.12 9.90
C GLU A 520 -1.75 -14.86 10.57
N ARG A 521 -2.14 -15.71 11.50
CA ARG A 521 -3.36 -15.46 12.26
C ARG A 521 -3.28 -14.14 13.03
N GLN A 522 -2.09 -13.75 13.45
CA GLN A 522 -1.97 -12.48 14.15
C GLN A 522 -2.32 -11.33 13.21
N ILE A 523 -1.92 -11.41 11.95
CA ILE A 523 -2.21 -10.32 11.03
C ILE A 523 -3.69 -10.30 10.71
N LYS A 524 -4.33 -11.46 10.64
CA LYS A 524 -5.77 -11.49 10.46
C LYS A 524 -6.45 -10.80 11.61
N LYS A 525 -6.02 -11.09 12.85
CA LYS A 525 -6.67 -10.44 13.98
C LYS A 525 -6.43 -8.95 13.93
N GLN A 526 -5.22 -8.52 13.56
CA GLN A 526 -4.91 -7.10 13.49
C GLN A 526 -5.75 -6.45 12.41
N THR A 527 -5.91 -7.14 11.28
CA THR A 527 -6.73 -6.59 10.23
C THR A 527 -8.14 -6.41 10.71
N ALA A 528 -8.65 -7.40 11.44
CA ALA A 528 -9.99 -7.30 12.02
C ALA A 528 -10.11 -6.13 12.98
N LEU A 529 -9.08 -5.91 13.80
CA LEU A 529 -9.10 -4.79 14.71
C LEU A 529 -9.18 -3.47 13.95
N VAL A 530 -8.42 -3.34 12.85
CA VAL A 530 -8.57 -2.15 12.01
C VAL A 530 -10.00 -2.02 11.54
N GLU A 531 -10.56 -3.11 11.01
CA GLU A 531 -11.91 -3.02 10.45
C GLU A 531 -12.94 -2.62 11.51
N LEU A 532 -12.83 -3.15 12.74
CA LEU A 532 -13.76 -2.78 13.81
C LEU A 532 -13.70 -1.28 14.09
N VAL A 533 -12.48 -0.74 14.24
CA VAL A 533 -12.34 0.70 14.47
C VAL A 533 -13.00 1.48 13.35
N LYS A 534 -12.85 1.00 12.11
CA LYS A 534 -13.41 1.74 11.01
C LYS A 534 -14.93 1.70 11.04
N HIS A 535 -15.53 0.71 11.73
CA HIS A 535 -16.97 0.71 11.89
C HIS A 535 -17.43 1.55 13.06
N LYS A 536 -16.53 1.87 14.00
CA LYS A 536 -16.83 2.82 15.06
C LYS A 536 -15.53 3.49 15.54
N PRO A 537 -15.15 4.60 14.93
CA PRO A 537 -13.84 5.20 15.27
C PRO A 537 -13.70 5.50 16.75
N LYS A 538 -14.78 5.87 17.42
CA LYS A 538 -14.72 6.23 18.82
C LYS A 538 -14.88 5.05 19.77
N ALA A 539 -14.80 3.82 19.27
CA ALA A 539 -14.97 2.67 20.15
C ALA A 539 -13.94 2.67 21.28
N THR A 540 -14.34 2.16 22.44
CA THR A 540 -13.46 2.05 23.60
C THR A 540 -12.65 0.76 23.58
N LYS A 541 -11.63 0.70 24.43
CA LYS A 541 -10.81 -0.49 24.52
C LYS A 541 -11.65 -1.71 24.93
N GLU A 542 -12.69 -1.49 25.73
CA GLU A 542 -13.53 -2.56 26.23
C GLU A 542 -14.46 -3.09 25.13
N GLN A 543 -15.12 -2.16 24.42
CA GLN A 543 -15.89 -2.52 23.24
C GLN A 543 -15.03 -3.35 22.26
N LEU A 544 -13.81 -2.88 21.97
CA LEU A 544 -12.97 -3.57 20.98
C LEU A 544 -12.58 -4.95 21.49
N LYS A 545 -12.17 -5.05 22.75
CA LYS A 545 -11.83 -6.36 23.29
C LYS A 545 -13.01 -7.32 23.20
N ALA A 546 -14.22 -6.83 23.49
CA ALA A 546 -15.38 -7.70 23.43
C ALA A 546 -15.61 -8.21 22.02
N ALA A 547 -15.48 -7.32 21.03
CA ALA A 547 -15.72 -7.71 19.65
C ALA A 547 -14.63 -8.64 19.14
N MET A 548 -13.36 -8.41 19.55
CA MET A 548 -12.29 -9.31 19.09
C MET A 548 -12.39 -10.65 19.74
N ASP A 549 -12.87 -10.73 20.98
CA ASP A 549 -13.12 -12.03 21.59
C ASP A 549 -14.19 -12.78 20.79
N ASP A 550 -15.24 -12.09 20.34
CA ASP A 550 -16.22 -12.72 19.48
C ASP A 550 -15.56 -13.23 18.20
N PHE A 551 -14.73 -12.40 17.58
CA PHE A 551 -14.05 -12.81 16.35
C PHE A 551 -13.28 -14.10 16.56
N ALA A 552 -12.58 -14.20 17.67
CA ALA A 552 -11.72 -15.34 17.93
C ALA A 552 -12.53 -16.60 18.19
N ALA A 553 -13.65 -16.48 18.92
CA ALA A 553 -14.56 -17.60 19.11
C ALA A 553 -15.20 -18.04 17.79
N PHE A 554 -15.61 -17.07 16.96
CA PHE A 554 -16.14 -17.38 15.62
C PHE A 554 -15.14 -18.21 14.84
N VAL A 555 -13.86 -17.82 14.84
CA VAL A 555 -12.86 -18.55 14.08
C VAL A 555 -12.67 -19.95 14.64
N GLU A 556 -12.63 -20.09 15.97
CA GLU A 556 -12.43 -21.40 16.58
C GLU A 556 -13.60 -22.31 16.30
N LYS A 557 -14.83 -21.78 16.41
CA LYS A 557 -16.01 -22.55 16.08
C LYS A 557 -15.92 -23.09 14.66
N CYS A 558 -15.67 -22.22 13.68
CA CYS A 558 -15.82 -22.66 12.30
C CYS A 558 -14.64 -23.50 11.83
N CYS A 559 -13.45 -23.32 12.39
CA CYS A 559 -12.30 -24.10 11.96
C CYS A 559 -12.28 -25.52 12.53
N LYS A 560 -13.17 -25.84 13.46
CA LYS A 560 -13.39 -27.21 13.92
C LYS A 560 -14.50 -27.93 13.16
N ALA A 561 -15.27 -27.22 12.36
CA ALA A 561 -16.55 -27.71 11.92
C ALA A 561 -16.39 -28.76 10.83
N ASP A 562 -17.39 -29.64 10.72
CA ASP A 562 -17.33 -30.66 9.67
C ASP A 562 -17.42 -30.03 8.29
N ASP A 563 -18.32 -29.05 8.12
CA ASP A 563 -18.47 -28.32 6.84
C ASP A 563 -18.03 -26.89 7.12
N LYS A 564 -16.76 -26.60 6.84
CA LYS A 564 -16.19 -25.31 7.25
C LYS A 564 -16.77 -24.14 6.46
N GLU A 565 -16.79 -24.24 5.11
CA GLU A 565 -17.36 -23.15 4.32
C GLU A 565 -18.79 -22.86 4.76
N THR A 566 -19.56 -23.90 5.05
CA THR A 566 -20.94 -23.67 5.45
C THR A 566 -21.00 -23.01 6.81
N CYS A 567 -20.15 -23.44 7.75
CA CYS A 567 -20.11 -22.76 9.04
C CYS A 567 -19.83 -21.27 8.85
N PHE A 568 -18.85 -20.95 8.01
CA PHE A 568 -18.50 -19.55 7.75
C PHE A 568 -19.65 -18.80 7.11
N ALA A 569 -20.35 -19.40 6.13
CA ALA A 569 -21.53 -18.75 5.56
C ALA A 569 -22.59 -18.51 6.62
N GLU A 570 -22.81 -19.48 7.51
CA GLU A 570 -23.90 -19.38 8.47
C GLU A 570 -23.54 -18.50 9.66
N GLU A 571 -22.27 -18.46 10.07
CA GLU A 571 -21.88 -17.75 11.29
C GLU A 571 -21.37 -16.32 11.07
N GLY A 572 -20.98 -15.97 9.84
CA GLY A 572 -20.46 -14.63 9.59
C GLY A 572 -21.43 -13.57 10.02
N LYS A 573 -22.69 -13.72 9.61
CA LYS A 573 -23.70 -12.73 9.92
C LYS A 573 -24.01 -12.72 11.41
N LYS A 574 -23.84 -13.84 12.10
CA LYS A 574 -24.00 -13.80 13.56
C LYS A 574 -22.89 -12.96 14.21
N LEU A 575 -21.65 -13.12 13.76
CA LEU A 575 -20.57 -12.27 14.27
C LEU A 575 -20.85 -10.79 13.99
N VAL A 576 -21.46 -10.48 12.85
CA VAL A 576 -21.78 -9.10 12.55
C VAL A 576 -22.70 -8.55 13.62
N ALA A 577 -23.74 -9.32 13.96
CA ALA A 577 -24.69 -8.84 14.96
C ALA A 577 -24.04 -8.72 16.33
N ALA A 578 -23.18 -9.67 16.71
CA ALA A 578 -22.53 -9.58 18.01
C ALA A 578 -21.50 -8.45 18.03
N SER A 579 -20.79 -8.21 16.92
CA SER A 579 -19.84 -7.11 16.89
C SER A 579 -20.53 -5.76 17.02
N GLN A 580 -21.64 -5.57 16.31
CA GLN A 580 -22.42 -4.34 16.44
C GLN A 580 -22.80 -4.07 17.89
N ALA A 581 -23.35 -5.08 18.56
CA ALA A 581 -23.71 -4.95 19.96
C ALA A 581 -22.50 -4.61 20.81
N ALA A 582 -21.41 -5.36 20.62
CA ALA A 582 -20.18 -5.11 21.38
C ALA A 582 -19.72 -3.67 21.25
N LEU A 583 -19.90 -3.07 20.07
CA LEU A 583 -19.51 -1.70 19.83
C LEU A 583 -20.59 -0.69 20.19
N GLY A 584 -21.73 -1.14 20.70
CA GLY A 584 -22.83 -0.22 20.92
C GLY A 584 -23.48 0.23 19.64
N LEU A 585 -23.36 -0.59 18.59
CA LEU A 585 -23.68 -0.26 17.19
C LEU A 585 -22.77 0.80 16.52
N SER B 3 -9.27 -21.19 -16.19
CA SER B 3 -8.69 -21.04 -17.52
C SER B 3 -7.76 -19.81 -17.56
N HIS B 4 -8.30 -18.67 -17.99
CA HIS B 4 -7.58 -17.40 -18.06
C HIS B 4 -8.05 -16.49 -16.94
N LEU B 5 -7.11 -15.88 -16.21
CA LEU B 5 -7.51 -15.02 -15.10
C LEU B 5 -7.45 -13.56 -15.51
N SER B 6 -8.44 -12.83 -15.06
CA SER B 6 -8.81 -11.52 -15.55
C SER B 6 -8.97 -10.66 -14.31
N LEU B 7 -8.58 -9.42 -14.44
CA LEU B 7 -8.91 -8.36 -13.50
C LEU B 7 -9.66 -7.35 -14.33
N LEU B 8 -10.92 -7.15 -13.99
CA LEU B 8 -11.76 -6.24 -14.75
C LEU B 8 -12.47 -5.27 -13.84
N TYR B 9 -12.50 -4.02 -14.26
CA TYR B 9 -13.20 -2.97 -13.55
C TYR B 9 -14.45 -2.61 -14.33
N HIS B 10 -15.59 -2.61 -13.64
CA HIS B 10 -16.88 -2.21 -14.20
C HIS B 10 -17.14 -0.80 -13.70
N LEU B 11 -17.07 0.19 -14.58
CA LEU B 11 -17.30 1.56 -14.18
C LEU B 11 -18.61 2.06 -14.75
N THR B 12 -19.34 2.82 -13.95
CA THR B 12 -20.60 3.41 -14.37
C THR B 12 -20.66 4.84 -13.85
N ALA B 13 -21.19 5.75 -14.68
CA ALA B 13 -21.60 7.08 -14.25
C ALA B 13 -22.95 7.41 -14.86
N VAL B 14 -23.74 8.18 -14.12
CA VAL B 14 -25.09 8.58 -14.54
C VAL B 14 -25.15 10.09 -14.42
N SER B 15 -25.88 10.74 -15.34
CA SER B 15 -25.88 12.20 -15.35
C SER B 15 -26.85 12.78 -14.33
N SER B 16 -27.84 12.01 -13.87
CA SER B 16 -28.84 12.53 -12.92
C SER B 16 -29.12 11.44 -11.85
N PRO B 17 -28.20 11.23 -10.94
CA PRO B 17 -28.43 10.27 -9.86
C PRO B 17 -29.52 10.74 -8.89
N ALA B 18 -30.35 9.83 -8.47
CA ALA B 18 -31.20 10.09 -7.30
C ALA B 18 -30.35 10.66 -6.17
N PRO B 19 -30.87 11.59 -5.38
CA PRO B 19 -30.04 12.20 -4.33
C PRO B 19 -29.63 11.14 -3.32
N GLY B 20 -28.39 11.25 -2.82
CA GLY B 20 -27.84 10.20 -1.97
C GLY B 20 -27.51 8.90 -2.67
N THR B 21 -27.48 8.87 -4.00
CA THR B 21 -26.92 7.72 -4.71
C THR B 21 -25.74 8.21 -5.54
N PRO B 22 -24.75 7.37 -5.80
CA PRO B 22 -23.50 7.88 -6.35
C PRO B 22 -23.64 8.23 -7.82
N ALA B 23 -23.04 9.35 -8.21
CA ALA B 23 -22.93 9.65 -9.64
C ALA B 23 -22.00 8.67 -10.35
N PHE B 24 -21.06 8.07 -9.62
CA PHE B 24 -20.07 7.22 -10.25
C PHE B 24 -19.70 6.11 -9.27
N TRP B 25 -19.59 4.89 -9.80
CA TRP B 25 -19.27 3.76 -8.97
C TRP B 25 -18.57 2.68 -9.77
N VAL B 26 -17.75 1.91 -9.06
CA VAL B 26 -16.87 0.94 -9.68
C VAL B 26 -16.96 -0.37 -8.91
N SER B 27 -17.02 -1.49 -9.61
CA SER B 27 -16.79 -2.79 -8.99
C SER B 27 -15.62 -3.43 -9.72
N GLY B 28 -14.70 -4.03 -8.97
CA GLY B 28 -13.55 -4.67 -9.53
C GLY B 28 -13.63 -6.21 -9.27
N TRP B 29 -13.26 -6.95 -10.27
CA TRP B 29 -13.54 -8.39 -10.34
C TRP B 29 -12.26 -9.16 -10.69
N LEU B 30 -11.97 -10.18 -9.90
CA LEU B 30 -10.91 -11.16 -10.17
C LEU B 30 -11.64 -12.41 -10.64
N GLY B 31 -11.65 -12.65 -11.94
CA GLY B 31 -12.54 -13.65 -12.48
C GLY B 31 -13.96 -13.33 -12.08
N PRO B 32 -14.67 -14.33 -11.53
CA PRO B 32 -16.06 -14.11 -11.14
C PRO B 32 -16.26 -13.53 -9.74
N GLN B 33 -15.19 -13.16 -9.04
CA GLN B 33 -15.27 -12.72 -7.64
C GLN B 33 -15.12 -11.20 -7.56
N GLN B 34 -16.03 -10.56 -6.84
CA GLN B 34 -15.88 -9.12 -6.65
C GLN B 34 -14.87 -8.89 -5.53
N TYR B 35 -13.76 -8.20 -5.83
CA TYR B 35 -12.76 -7.89 -4.80
C TYR B 35 -12.76 -6.42 -4.38
N LEU B 36 -13.41 -5.53 -5.15
CA LEU B 36 -13.23 -4.09 -5.01
C LEU B 36 -14.56 -3.36 -5.20
N SER B 37 -14.76 -2.33 -4.38
CA SER B 37 -15.93 -1.47 -4.49
C SER B 37 -15.45 -0.04 -4.32
N TYR B 38 -16.02 0.88 -5.09
CA TYR B 38 -15.67 2.28 -5.03
C TYR B 38 -16.92 3.04 -5.44
N ASN B 39 -17.28 4.09 -4.70
CA ASN B 39 -18.27 5.01 -5.25
C ASN B 39 -17.95 6.45 -4.87
N SER B 40 -18.56 7.37 -5.64
CA SER B 40 -18.18 8.79 -5.58
C SER B 40 -18.69 9.47 -4.32
N LEU B 41 -19.69 8.92 -3.64
CA LEU B 41 -20.10 9.49 -2.37
C LEU B 41 -19.07 9.21 -1.28
N ARG B 42 -18.53 8.00 -1.21
CA ARG B 42 -17.56 7.70 -0.17
C ARG B 42 -16.13 8.06 -0.59
N GLY B 43 -15.78 7.79 -1.83
CA GLY B 43 -14.52 8.26 -2.40
C GLY B 43 -13.32 7.43 -2.07
N GLU B 44 -13.49 6.26 -1.49
N GLU B 44 -13.50 6.25 -1.51
CA GLU B 44 -12.35 5.36 -1.30
CA GLU B 44 -12.41 5.33 -1.22
C GLU B 44 -12.67 4.01 -1.94
C GLU B 44 -12.69 3.99 -1.91
N ALA B 45 -11.65 3.39 -2.50
CA ALA B 45 -11.74 2.00 -2.92
C ALA B 45 -11.62 1.13 -1.69
N GLU B 46 -12.42 0.08 -1.62
CA GLU B 46 -12.39 -0.83 -0.47
C GLU B 46 -12.42 -2.29 -0.90
N PRO B 47 -11.80 -3.19 -0.13
CA PRO B 47 -11.92 -4.63 -0.43
C PRO B 47 -13.31 -5.17 -0.10
N CYS B 48 -13.72 -6.22 -0.82
CA CYS B 48 -15.02 -6.85 -0.63
C CYS B 48 -14.87 -8.28 -0.13
N GLY B 49 -15.75 -8.70 0.77
CA GLY B 49 -15.83 -10.13 1.04
C GLY B 49 -14.56 -10.61 1.73
N ALA B 50 -14.10 -11.78 1.27
CA ALA B 50 -12.89 -12.35 1.84
C ALA B 50 -11.63 -11.56 1.49
N TRP B 51 -11.68 -10.66 0.49
CA TRP B 51 -10.52 -9.85 0.15
C TRP B 51 -10.17 -8.82 1.23
N VAL B 52 -11.08 -8.57 2.16
CA VAL B 52 -10.76 -7.78 3.34
C VAL B 52 -9.58 -8.35 4.10
N TRP B 53 -9.43 -9.70 4.09
CA TRP B 53 -8.42 -10.40 4.87
C TRP B 53 -7.20 -10.76 4.05
N GLU B 54 -7.14 -10.34 2.79
CA GLU B 54 -6.00 -10.70 1.95
C GLU B 54 -4.73 -10.15 2.58
N ASN B 55 -3.69 -10.97 2.53
CA ASN B 55 -2.37 -10.59 3.04
C ASN B 55 -1.72 -9.59 2.11
N GLN B 56 -2.24 -8.37 2.04
CA GLN B 56 -1.92 -7.43 0.99
C GLN B 56 -0.82 -6.49 1.50
N VAL B 57 -0.16 -5.79 0.56
N VAL B 57 -0.21 -5.76 0.57
CA VAL B 57 0.93 -4.89 0.93
CA VAL B 57 0.90 -4.86 0.86
C VAL B 57 0.36 -3.52 1.26
C VAL B 57 0.36 -3.49 1.24
N SER B 58 1.11 -2.78 2.08
CA SER B 58 0.78 -1.40 2.38
C SER B 58 0.70 -0.58 1.09
N TRP B 59 -0.23 0.36 1.08
CA TRP B 59 -0.52 1.32 0.01
C TRP B 59 -1.21 0.67 -1.19
N TYR B 60 -1.42 -0.66 -1.19
CA TYR B 60 -2.17 -1.28 -2.30
C TYR B 60 -3.49 -0.54 -2.51
N TRP B 61 -4.30 -0.45 -1.44
CA TRP B 61 -5.67 0.09 -1.55
C TRP B 61 -5.64 1.60 -1.77
N GLU B 62 -4.70 2.30 -1.14
CA GLU B 62 -4.55 3.73 -1.38
C GLU B 62 -4.26 4.01 -2.85
N LYS B 63 -3.51 3.13 -3.50
CA LYS B 63 -3.24 3.30 -4.94
C LYS B 63 -4.47 3.03 -5.78
N GLU B 64 -5.28 2.01 -5.42
CA GLU B 64 -6.54 1.77 -6.13
C GLU B 64 -7.43 2.99 -6.00
N THR B 65 -7.50 3.55 -4.79
CA THR B 65 -8.28 4.75 -4.56
C THR B 65 -7.77 5.91 -5.42
N THR B 66 -6.46 6.10 -5.45
CA THR B 66 -5.92 7.20 -6.24
C THR B 66 -6.34 7.08 -7.71
N ASP B 67 -6.21 5.89 -8.30
CA ASP B 67 -6.51 5.75 -9.72
C ASP B 67 -7.99 5.89 -10.00
N LEU B 68 -8.84 5.44 -9.09
CA LEU B 68 -10.26 5.50 -9.38
C LEU B 68 -10.80 6.90 -9.20
N ARG B 69 -10.20 7.73 -8.35
CA ARG B 69 -10.63 9.13 -8.25
C ARG B 69 -10.39 9.86 -9.56
N ILE B 70 -9.30 9.50 -10.24
CA ILE B 70 -8.97 10.11 -11.51
C ILE B 70 -10.00 9.71 -12.56
N LYS B 71 -10.37 8.43 -12.57
CA LYS B 71 -11.39 7.97 -13.51
C LYS B 71 -12.74 8.59 -13.20
N GLU B 72 -13.07 8.74 -11.92
CA GLU B 72 -14.31 9.43 -11.58
C GLU B 72 -14.39 10.78 -12.28
N LYS B 73 -13.35 11.58 -12.12
CA LYS B 73 -13.39 12.92 -12.69
C LYS B 73 -13.56 12.85 -14.21
N LEU B 74 -12.85 11.94 -14.89
CA LEU B 74 -13.02 11.80 -16.33
C LEU B 74 -14.46 11.46 -16.68
N PHE B 75 -15.04 10.46 -16.01
CA PHE B 75 -16.39 10.04 -16.39
C PHE B 75 -17.37 11.19 -16.25
N LEU B 76 -17.24 12.00 -15.20
CA LEU B 76 -18.19 13.10 -15.00
C LEU B 76 -17.96 14.22 -16.01
N GLU B 77 -16.71 14.46 -16.39
CA GLU B 77 -16.41 15.42 -17.46
C GLU B 77 -17.06 15.03 -18.77
N ALA B 78 -17.13 13.73 -19.06
CA ALA B 78 -17.74 13.27 -20.31
C ALA B 78 -19.15 13.83 -20.48
N PHE B 79 -19.91 13.91 -19.39
CA PHE B 79 -21.26 14.42 -19.52
C PHE B 79 -21.25 15.90 -19.91
N LYS B 80 -20.22 16.64 -19.50
CA LYS B 80 -20.10 18.05 -19.89
C LYS B 80 -19.84 18.20 -21.39
N ALA B 81 -19.07 17.28 -21.97
CA ALA B 81 -18.75 17.27 -23.40
C ALA B 81 -19.93 16.83 -24.27
N LEU B 82 -21.09 16.52 -23.69
CA LEU B 82 -22.23 16.10 -24.49
C LEU B 82 -23.34 17.13 -24.56
N GLY B 83 -23.57 17.88 -23.49
CA GLY B 83 -24.74 18.75 -23.44
C GLY B 83 -26.01 17.98 -23.68
N GLY B 84 -26.53 18.06 -24.91
CA GLY B 84 -27.73 17.33 -25.30
C GLY B 84 -28.94 17.60 -24.43
N LYS B 85 -29.16 16.75 -23.42
CA LYS B 85 -30.23 16.91 -22.45
C LYS B 85 -30.15 15.76 -21.45
N GLY B 86 -30.10 14.54 -21.97
CA GLY B 86 -29.93 13.38 -21.14
C GLY B 86 -31.26 12.77 -20.76
N PRO B 87 -31.29 11.94 -19.73
CA PRO B 87 -30.12 11.53 -18.93
C PRO B 87 -29.11 10.72 -19.74
N TYR B 88 -27.87 10.65 -19.30
CA TYR B 88 -26.87 9.76 -19.86
C TYR B 88 -26.42 8.73 -18.84
N THR B 89 -26.10 7.54 -19.34
CA THR B 89 -25.35 6.53 -18.61
C THR B 89 -24.08 6.23 -19.39
N LEU B 90 -22.95 6.33 -18.73
CA LEU B 90 -21.68 6.01 -19.34
C LEU B 90 -21.05 4.87 -18.56
N GLN B 91 -20.75 3.79 -19.26
CA GLN B 91 -20.09 2.63 -18.68
C GLN B 91 -18.74 2.37 -19.33
N GLY B 92 -17.82 1.85 -18.55
CA GLY B 92 -16.54 1.40 -19.05
C GLY B 92 -16.18 0.04 -18.49
N LEU B 93 -15.56 -0.78 -19.33
CA LEU B 93 -14.98 -2.07 -18.94
C LEU B 93 -13.50 -1.94 -19.20
N LEU B 94 -12.72 -1.85 -18.13
CA LEU B 94 -11.27 -1.63 -18.20
C LEU B 94 -10.57 -2.74 -17.45
N GLY B 95 -9.56 -3.36 -18.06
CA GLY B 95 -8.89 -4.44 -17.36
C GLY B 95 -7.89 -5.21 -18.21
N CYS B 96 -7.47 -6.36 -17.71
CA CYS B 96 -6.32 -7.11 -18.12
C CYS B 96 -6.71 -8.53 -18.04
N GLU B 97 -6.07 -9.40 -18.85
CA GLU B 97 -6.20 -10.83 -18.82
C GLU B 97 -4.84 -11.45 -19.07
N LEU B 98 -4.46 -12.40 -18.24
CA LEU B 98 -3.14 -13.00 -18.31
C LEU B 98 -3.09 -14.09 -19.37
N GLY B 99 -1.90 -14.27 -19.96
CA GLY B 99 -1.72 -15.18 -21.07
C GLY B 99 -0.52 -16.11 -20.98
N PRO B 100 -0.09 -16.62 -22.15
CA PRO B 100 1.04 -17.56 -22.18
C PRO B 100 2.34 -17.02 -21.61
N ASP B 101 3.30 -16.69 -22.47
CA ASP B 101 4.63 -16.30 -22.02
C ASP B 101 4.63 -15.01 -21.21
N ASN B 102 4.05 -15.00 -20.02
CA ASN B 102 4.16 -13.84 -19.14
C ASN B 102 3.56 -12.61 -19.81
N THR B 103 2.41 -12.78 -20.51
CA THR B 103 1.75 -11.75 -21.29
C THR B 103 0.55 -11.21 -20.56
N SER B 104 0.06 -10.07 -21.02
CA SER B 104 -1.18 -9.48 -20.56
C SER B 104 -1.90 -8.83 -21.74
N VAL B 105 -3.19 -9.07 -21.84
CA VAL B 105 -4.03 -8.56 -22.91
C VAL B 105 -5.05 -7.60 -22.28
N PRO B 106 -5.01 -6.31 -22.59
CA PRO B 106 -5.93 -5.38 -21.97
C PRO B 106 -7.25 -5.24 -22.70
N THR B 107 -8.25 -4.73 -21.97
CA THR B 107 -9.57 -4.41 -22.46
C THR B 107 -9.87 -2.98 -22.07
N ALA B 108 -10.49 -2.23 -22.99
CA ALA B 108 -10.89 -0.86 -22.68
C ALA B 108 -12.03 -0.46 -23.60
N LYS B 109 -13.25 -0.69 -23.14
CA LYS B 109 -14.47 -0.43 -23.91
C LYS B 109 -15.40 0.41 -23.08
N PHE B 110 -16.22 1.20 -23.77
CA PHE B 110 -17.18 2.06 -23.12
C PHE B 110 -18.51 2.00 -23.86
N ALA B 111 -19.58 2.26 -23.13
CA ALA B 111 -20.91 2.23 -23.69
C ALA B 111 -21.65 3.45 -23.17
N LEU B 112 -22.51 4.00 -24.02
CA LEU B 112 -23.36 5.14 -23.69
C LEU B 112 -24.79 4.68 -23.83
N ASN B 113 -25.59 4.92 -22.78
CA ASN B 113 -26.98 4.50 -22.71
C ASN B 113 -27.15 3.07 -23.24
N GLY B 114 -26.26 2.20 -22.78
CA GLY B 114 -26.42 0.78 -22.98
C GLY B 114 -25.82 0.25 -24.24
N GLU B 115 -25.22 1.09 -25.07
CA GLU B 115 -24.64 0.66 -26.33
C GLU B 115 -23.16 0.99 -26.41
N GLU B 116 -22.37 -0.01 -26.75
CA GLU B 116 -20.95 0.17 -26.94
C GLU B 116 -20.71 1.25 -27.98
N PHE B 117 -19.90 2.24 -27.64
CA PHE B 117 -19.64 3.34 -28.56
C PHE B 117 -18.22 3.87 -28.58
N MET B 118 -17.30 3.31 -27.79
CA MET B 118 -15.98 3.91 -27.72
C MET B 118 -15.02 2.86 -27.18
N ASN B 119 -13.74 3.01 -27.51
CA ASN B 119 -12.70 2.18 -26.92
C ASN B 119 -11.46 3.05 -26.68
N PHE B 120 -10.47 2.48 -25.99
CA PHE B 120 -9.14 3.09 -25.91
C PHE B 120 -8.21 2.21 -26.72
N ASP B 121 -7.60 2.81 -27.74
CA ASP B 121 -6.56 2.19 -28.56
C ASP B 121 -5.20 2.34 -27.89
N LEU B 122 -4.65 1.22 -27.41
CA LEU B 122 -3.41 1.28 -26.64
C LEU B 122 -2.19 1.53 -27.50
N LYS B 123 -2.23 1.19 -28.79
CA LYS B 123 -1.10 1.46 -29.68
C LYS B 123 -1.00 2.94 -30.00
N GLN B 124 -2.14 3.61 -30.15
CA GLN B 124 -2.18 5.03 -30.46
C GLN B 124 -2.26 5.92 -29.23
N GLY B 125 -2.63 5.36 -28.07
CA GLY B 125 -2.87 6.19 -26.89
C GLY B 125 -4.03 7.14 -27.05
N THR B 126 -5.09 6.71 -27.72
CA THR B 126 -6.24 7.57 -27.91
C THR B 126 -7.53 6.82 -27.67
N TRP B 127 -8.54 7.58 -27.27
CA TRP B 127 -9.92 7.12 -27.22
C TRP B 127 -10.54 7.39 -28.58
N GLY B 128 -11.40 6.51 -29.04
CA GLY B 128 -12.12 6.83 -30.25
C GLY B 128 -13.34 5.94 -30.40
N GLY B 129 -14.04 6.22 -31.48
CA GLY B 129 -15.36 5.69 -31.75
C GLY B 129 -15.92 6.54 -32.86
N ASP B 130 -17.06 6.13 -33.37
CA ASP B 130 -17.54 6.78 -34.59
C ASP B 130 -18.74 7.68 -34.39
N TRP B 131 -19.53 7.51 -33.32
CA TRP B 131 -20.65 8.42 -33.16
C TRP B 131 -20.15 9.83 -32.87
N PRO B 132 -21.01 10.83 -33.05
CA PRO B 132 -20.66 12.17 -32.55
C PRO B 132 -20.41 12.17 -31.05
N GLU B 133 -21.15 11.36 -30.27
CA GLU B 133 -20.92 11.36 -28.82
C GLU B 133 -19.55 10.81 -28.49
N ALA B 134 -19.12 9.78 -29.22
CA ALA B 134 -17.78 9.26 -29.02
C ALA B 134 -16.74 10.31 -29.36
N LEU B 135 -16.98 11.09 -30.43
CA LEU B 135 -16.03 12.11 -30.83
C LEU B 135 -15.90 13.17 -29.76
N ALA B 136 -17.03 13.66 -29.25
CA ALA B 136 -16.99 14.69 -28.21
C ALA B 136 -16.27 14.17 -26.97
N ILE B 137 -16.63 12.98 -26.49
CA ILE B 137 -16.04 12.54 -25.22
C ILE B 137 -14.57 12.23 -25.41
N SER B 138 -14.22 11.53 -26.48
CA SER B 138 -12.84 11.13 -26.67
C SER B 138 -11.94 12.36 -26.78
N GLN B 139 -12.43 13.41 -27.43
CA GLN B 139 -11.69 14.68 -27.50
C GLN B 139 -11.53 15.30 -26.11
N ARG B 140 -12.63 15.41 -25.35
CA ARG B 140 -12.54 16.03 -24.03
C ARG B 140 -11.49 15.30 -23.17
N TRP B 141 -11.51 13.97 -23.18
CA TRP B 141 -10.49 13.23 -22.42
C TRP B 141 -9.12 13.38 -23.03
N GLN B 142 -9.01 13.31 -24.37
CA GLN B 142 -7.71 13.44 -25.02
C GLN B 142 -7.09 14.80 -24.72
N GLN B 143 -7.91 15.84 -24.68
CA GLN B 143 -7.41 17.20 -24.42
C GLN B 143 -7.07 17.45 -22.96
N GLN B 144 -7.31 16.50 -22.07
CA GLN B 144 -7.04 16.67 -20.65
C GLN B 144 -5.61 16.25 -20.38
N ASP B 145 -4.80 17.16 -19.85
CA ASP B 145 -3.39 16.87 -19.68
C ASP B 145 -3.20 15.60 -18.88
N LYS B 146 -2.44 14.66 -19.46
CA LYS B 146 -1.94 13.44 -18.88
C LYS B 146 -2.99 12.33 -18.81
N ALA B 147 -4.25 12.58 -19.17
CA ALA B 147 -5.27 11.54 -19.04
C ALA B 147 -4.90 10.28 -19.83
N ALA B 148 -4.55 10.42 -21.11
CA ALA B 148 -4.27 9.24 -21.92
C ALA B 148 -3.05 8.50 -21.40
N ASN B 149 -2.10 9.24 -20.89
CA ASN B 149 -0.90 8.64 -20.33
C ASN B 149 -1.20 7.77 -19.11
N LYS B 150 -2.06 8.26 -18.21
CA LYS B 150 -2.44 7.48 -17.03
C LYS B 150 -3.23 6.22 -17.42
N GLU B 151 -4.03 6.30 -18.49
CA GLU B 151 -4.77 5.13 -18.96
C GLU B 151 -3.83 4.08 -19.52
N LEU B 152 -2.83 4.50 -20.27
CA LEU B 152 -1.82 3.56 -20.71
C LEU B 152 -1.18 2.85 -19.54
N THR B 153 -0.75 3.59 -18.52
CA THR B 153 -0.13 2.94 -17.36
C THR B 153 -1.15 2.06 -16.62
N PHE B 154 -2.37 2.55 -16.46
CA PHE B 154 -3.38 1.76 -15.74
C PHE B 154 -3.55 0.40 -16.39
N LEU B 155 -3.66 0.39 -17.72
CA LEU B 155 -4.00 -0.85 -18.43
C LEU B 155 -2.80 -1.73 -18.68
N LEU B 156 -1.68 -1.13 -19.06
CA LEU B 156 -0.54 -1.95 -19.47
C LEU B 156 0.35 -2.34 -18.31
N PHE B 157 0.34 -1.55 -17.24
CA PHE B 157 1.25 -1.81 -16.13
C PHE B 157 0.52 -2.19 -14.84
N SER B 158 -0.35 -1.30 -14.34
CA SER B 158 -0.95 -1.50 -13.03
C SER B 158 -1.88 -2.71 -13.01
N CYS B 159 -2.73 -2.83 -14.02
CA CYS B 159 -3.68 -3.94 -14.01
C CYS B 159 -2.95 -5.26 -13.95
N PRO B 160 -2.05 -5.59 -14.87
CA PRO B 160 -1.35 -6.86 -14.75
C PRO B 160 -0.55 -6.99 -13.47
N HIS B 161 0.04 -5.91 -12.94
CA HIS B 161 0.77 -6.07 -11.69
C HIS B 161 -0.19 -6.33 -10.53
N ARG B 162 -1.34 -5.66 -10.52
CA ARG B 162 -2.36 -5.99 -9.51
C ARG B 162 -2.79 -7.43 -9.66
N LEU B 163 -3.08 -7.85 -10.90
CA LEU B 163 -3.51 -9.22 -11.12
C LEU B 163 -2.48 -10.23 -10.60
N ARG B 164 -1.20 -9.98 -10.86
CA ARG B 164 -0.20 -10.92 -10.36
C ARG B 164 -0.06 -10.85 -8.85
N GLU B 165 -0.19 -9.66 -8.26
CA GLU B 165 -0.18 -9.57 -6.81
C GLU B 165 -1.29 -10.45 -6.22
N HIS B 166 -2.52 -10.37 -6.78
CA HIS B 166 -3.60 -11.11 -6.15
C HIS B 166 -3.42 -12.63 -6.33
N LEU B 167 -2.79 -13.07 -7.41
CA LEU B 167 -2.56 -14.50 -7.59
C LEU B 167 -1.67 -15.05 -6.49
N GLU B 168 -0.57 -14.36 -6.22
CA GLU B 168 0.32 -14.66 -5.11
C GLU B 168 -0.46 -14.64 -3.81
N ARG B 169 -0.94 -13.44 -3.43
CA ARG B 169 -1.38 -13.17 -2.07
C ARG B 169 -2.80 -13.63 -1.81
N GLY B 170 -3.60 -13.77 -2.84
CA GLY B 170 -4.98 -14.19 -2.64
C GLY B 170 -5.28 -15.60 -3.10
N ARG B 171 -4.28 -16.48 -3.10
CA ARG B 171 -4.50 -17.83 -3.59
C ARG B 171 -5.59 -18.55 -2.81
N GLY B 172 -5.66 -18.35 -1.50
CA GLY B 172 -6.75 -18.97 -0.75
C GLY B 172 -8.11 -18.59 -1.30
N ASN B 173 -8.27 -17.35 -1.72
CA ASN B 173 -9.57 -16.91 -2.23
C ASN B 173 -9.83 -17.42 -3.63
N LEU B 174 -8.80 -17.45 -4.48
CA LEU B 174 -9.02 -17.85 -5.87
C LEU B 174 -9.23 -19.36 -6.02
N GLU B 175 -8.71 -20.15 -5.09
CA GLU B 175 -8.78 -21.61 -5.18
C GLU B 175 -9.82 -22.20 -4.24
N TRP B 176 -10.61 -21.34 -3.61
CA TRP B 176 -11.81 -21.73 -2.90
C TRP B 176 -12.60 -22.77 -3.70
N LYS B 177 -13.03 -23.82 -3.01
CA LYS B 177 -13.92 -24.80 -3.59
C LYS B 177 -15.00 -25.05 -2.56
N GLU B 178 -16.23 -25.05 -3.01
CA GLU B 178 -17.39 -25.33 -2.18
C GLU B 178 -18.29 -26.15 -3.08
N PRO B 179 -18.45 -27.43 -2.85
CA PRO B 179 -19.36 -28.25 -3.63
C PRO B 179 -20.80 -27.83 -3.40
N PRO B 180 -21.71 -28.00 -4.33
CA PRO B 180 -23.11 -27.67 -4.11
C PRO B 180 -23.80 -28.62 -3.13
N SER B 181 -24.73 -28.08 -2.36
CA SER B 181 -25.74 -28.87 -1.69
C SER B 181 -26.93 -29.05 -2.62
N MET B 182 -27.41 -30.28 -2.74
CA MET B 182 -28.30 -30.65 -3.84
C MET B 182 -29.66 -31.06 -3.33
N ARG B 183 -30.68 -30.77 -4.12
CA ARG B 183 -32.04 -31.18 -3.85
C ARG B 183 -32.74 -31.45 -5.16
N LEU B 184 -33.53 -32.50 -5.20
CA LEU B 184 -34.38 -32.81 -6.35
C LEU B 184 -35.80 -32.92 -5.84
N LYS B 185 -36.69 -32.08 -6.37
CA LYS B 185 -38.07 -31.97 -5.89
C LYS B 185 -39.01 -32.00 -7.09
N ALA B 186 -40.26 -32.40 -6.84
CA ALA B 186 -41.28 -32.38 -7.89
C ALA B 186 -42.56 -31.73 -7.38
N ARG B 187 -43.35 -31.24 -8.34
CA ARG B 187 -44.65 -30.68 -8.06
C ARG B 187 -45.51 -30.89 -9.30
N PRO B 188 -46.81 -31.08 -9.12
CA PRO B 188 -47.70 -31.10 -10.29
C PRO B 188 -47.60 -29.80 -11.07
N SER B 189 -47.80 -29.92 -12.39
N SER B 189 -47.79 -29.90 -12.39
CA SER B 189 -47.84 -28.81 -13.33
CA SER B 189 -47.84 -28.79 -13.30
C SER B 189 -49.24 -28.80 -13.92
C SER B 189 -49.28 -28.78 -13.90
N SER B 190 -49.35 -28.81 -15.24
CA SER B 190 -50.67 -29.01 -15.86
C SER B 190 -51.22 -30.42 -15.56
N PRO B 191 -52.52 -30.67 -15.79
CA PRO B 191 -53.03 -32.03 -15.60
C PRO B 191 -52.28 -33.01 -16.49
N GLY B 192 -51.83 -34.11 -15.89
CA GLY B 192 -51.01 -35.11 -16.55
C GLY B 192 -49.52 -34.83 -16.59
N PHE B 193 -49.06 -33.75 -15.98
CA PHE B 193 -47.65 -33.42 -16.02
C PHE B 193 -47.16 -33.02 -14.65
N SER B 194 -45.88 -33.33 -14.39
CA SER B 194 -45.18 -32.84 -13.22
C SER B 194 -43.89 -32.19 -13.69
N VAL B 195 -43.36 -31.29 -12.86
CA VAL B 195 -42.07 -30.66 -13.12
C VAL B 195 -41.08 -31.11 -12.06
N LEU B 196 -39.92 -31.57 -12.50
CA LEU B 196 -38.85 -32.00 -11.59
C LEU B 196 -37.81 -30.89 -11.57
N THR B 197 -37.42 -30.45 -10.37
CA THR B 197 -36.42 -29.38 -10.25
C THR B 197 -35.24 -29.86 -9.45
N CYS B 198 -34.07 -29.85 -10.10
CA CYS B 198 -32.81 -30.18 -9.46
C CYS B 198 -32.09 -28.88 -9.11
N SER B 199 -31.80 -28.69 -7.84
CA SER B 199 -31.30 -27.41 -7.34
C SER B 199 -29.91 -27.58 -6.73
N ALA B 200 -29.00 -26.67 -7.06
CA ALA B 200 -27.64 -26.66 -6.54
C ALA B 200 -27.46 -25.37 -5.75
N PHE B 201 -27.13 -25.50 -4.47
CA PHE B 201 -27.04 -24.37 -3.57
C PHE B 201 -25.60 -24.12 -3.16
N SER B 202 -25.22 -22.84 -3.12
CA SER B 202 -24.01 -22.36 -2.44
C SER B 202 -22.77 -23.12 -2.88
N PHE B 203 -22.40 -22.89 -4.13
CA PHE B 203 -21.23 -23.58 -4.66
C PHE B 203 -20.30 -22.57 -5.28
N TYR B 204 -19.02 -22.94 -5.32
CA TYR B 204 -17.98 -22.17 -5.92
C TYR B 204 -16.90 -23.17 -6.32
N PRO B 205 -16.34 -23.08 -7.52
CA PRO B 205 -16.58 -22.05 -8.56
C PRO B 205 -17.90 -22.15 -9.35
N PRO B 206 -18.15 -21.18 -10.25
CA PRO B 206 -19.49 -21.08 -10.85
C PRO B 206 -19.79 -22.13 -11.91
N GLU B 207 -18.78 -22.71 -12.55
CA GLU B 207 -19.02 -23.74 -13.56
C GLU B 207 -19.69 -24.97 -12.91
N LEU B 208 -20.83 -25.39 -13.46
CA LEU B 208 -21.59 -26.49 -12.90
C LEU B 208 -22.53 -26.99 -14.00
N GLN B 209 -22.70 -28.30 -14.08
CA GLN B 209 -23.63 -28.88 -15.05
C GLN B 209 -24.62 -29.78 -14.30
N LEU B 210 -25.88 -29.63 -14.65
CA LEU B 210 -26.99 -30.43 -14.14
C LEU B 210 -27.61 -31.19 -15.32
N ARG B 211 -27.99 -32.44 -15.09
CA ARG B 211 -28.54 -33.27 -16.15
C ARG B 211 -29.49 -34.25 -15.49
N PHE B 212 -30.48 -34.73 -16.24
CA PHE B 212 -31.36 -35.75 -15.71
C PHE B 212 -31.10 -37.10 -16.36
N LEU B 213 -31.29 -38.14 -15.57
CA LEU B 213 -31.12 -39.51 -16.04
C LEU B 213 -32.36 -40.34 -15.79
N ARG B 214 -32.54 -41.34 -16.64
CA ARG B 214 -33.52 -42.38 -16.38
C ARG B 214 -32.91 -43.68 -16.89
N ASN B 215 -32.99 -44.74 -16.08
N ASN B 215 -32.99 -44.73 -16.07
CA ASN B 215 -32.50 -46.02 -16.51
CA ASN B 215 -32.48 -46.04 -16.44
C ASN B 215 -31.01 -45.95 -16.82
C ASN B 215 -30.99 -45.99 -16.74
N GLY B 216 -30.31 -45.04 -16.14
CA GLY B 216 -28.88 -44.86 -16.38
C GLY B 216 -28.53 -44.09 -17.62
N LEU B 217 -29.51 -43.58 -18.34
CA LEU B 217 -29.28 -42.97 -19.64
C LEU B 217 -29.79 -41.53 -19.62
N ALA B 218 -29.21 -40.73 -20.51
CA ALA B 218 -29.54 -39.32 -20.56
C ALA B 218 -31.04 -39.13 -20.79
N ALA B 219 -31.66 -38.36 -19.90
CA ALA B 219 -33.05 -37.98 -20.08
C ALA B 219 -33.22 -36.54 -20.54
N GLY B 220 -32.19 -35.71 -20.42
CA GLY B 220 -32.26 -34.31 -20.84
C GLY B 220 -31.60 -33.40 -19.82
N THR B 221 -31.20 -32.23 -20.28
CA THR B 221 -30.68 -31.24 -19.35
C THR B 221 -31.78 -30.54 -18.56
N GLY B 222 -33.01 -30.47 -19.09
CA GLY B 222 -34.02 -29.59 -18.53
C GLY B 222 -33.66 -28.14 -18.81
N GLN B 223 -34.51 -27.24 -18.31
CA GLN B 223 -34.32 -25.80 -18.48
C GLN B 223 -33.71 -25.24 -17.21
N GLY B 224 -32.62 -24.50 -17.36
CA GLY B 224 -31.81 -24.12 -16.23
C GLY B 224 -31.81 -22.64 -15.95
N ASP B 225 -31.38 -22.30 -14.75
CA ASP B 225 -31.14 -20.92 -14.39
C ASP B 225 -29.99 -20.91 -13.38
N PHE B 226 -29.53 -19.71 -13.06
CA PHE B 226 -28.24 -19.52 -12.43
C PHE B 226 -28.21 -18.11 -11.84
N GLY B 227 -27.69 -17.96 -10.60
CA GLY B 227 -27.50 -16.66 -10.02
C GLY B 227 -26.57 -16.67 -8.83
N PRO B 228 -26.13 -15.47 -8.40
CA PRO B 228 -25.19 -15.36 -7.28
C PRO B 228 -25.89 -15.34 -5.93
N ASN B 229 -25.16 -15.77 -4.91
CA ASN B 229 -25.50 -15.45 -3.53
C ASN B 229 -24.65 -14.26 -3.11
N SER B 230 -24.95 -13.71 -1.92
CA SER B 230 -24.29 -12.46 -1.52
C SER B 230 -22.79 -12.61 -1.30
N ASP B 231 -22.29 -13.81 -1.06
CA ASP B 231 -20.90 -14.03 -0.74
C ASP B 231 -20.10 -14.47 -1.92
N GLY B 232 -20.65 -14.39 -3.11
CA GLY B 232 -19.91 -14.80 -4.26
C GLY B 232 -19.96 -16.28 -4.54
N SER B 233 -20.63 -17.08 -3.72
CA SER B 233 -21.01 -18.42 -4.14
C SER B 233 -22.20 -18.32 -5.08
N PHE B 234 -22.67 -19.45 -5.59
CA PHE B 234 -23.70 -19.43 -6.62
C PHE B 234 -24.82 -20.43 -6.35
N HIS B 235 -25.90 -20.20 -7.09
CA HIS B 235 -27.10 -21.02 -7.07
C HIS B 235 -27.41 -21.42 -8.51
N ALA B 236 -27.96 -22.62 -8.68
CA ALA B 236 -28.38 -23.04 -10.00
C ALA B 236 -29.53 -24.02 -9.86
N SER B 237 -30.37 -24.08 -10.89
CA SER B 237 -31.39 -25.12 -10.90
C SER B 237 -31.69 -25.45 -12.35
N SER B 238 -32.25 -26.65 -12.53
CA SER B 238 -32.75 -27.06 -13.83
C SER B 238 -34.04 -27.87 -13.65
N SER B 239 -34.95 -27.66 -14.57
CA SER B 239 -36.29 -28.23 -14.43
C SER B 239 -36.58 -29.09 -15.64
N LEU B 240 -37.22 -30.22 -15.40
CA LEU B 240 -37.63 -31.11 -16.47
C LEU B 240 -39.10 -31.47 -16.31
N THR B 241 -39.85 -31.40 -17.42
CA THR B 241 -41.27 -31.76 -17.40
C THR B 241 -41.41 -33.22 -17.74
N VAL B 242 -42.14 -33.96 -16.91
CA VAL B 242 -42.32 -35.39 -17.06
C VAL B 242 -43.82 -35.65 -16.88
N LYS B 243 -44.24 -36.86 -17.24
CA LYS B 243 -45.65 -37.24 -17.08
C LYS B 243 -45.93 -37.54 -15.62
N SER B 244 -47.15 -37.21 -15.19
N SER B 244 -47.15 -37.22 -15.20
CA SER B 244 -47.53 -37.47 -13.81
CA SER B 244 -47.56 -37.50 -13.83
C SER B 244 -47.45 -38.96 -13.52
C SER B 244 -47.42 -38.98 -13.54
N GLY B 245 -46.98 -39.29 -12.31
CA GLY B 245 -46.73 -40.67 -11.95
C GLY B 245 -45.37 -41.20 -12.34
N ASP B 246 -44.63 -40.51 -13.21
CA ASP B 246 -43.30 -40.98 -13.61
C ASP B 246 -42.16 -40.34 -12.83
N GLU B 247 -42.47 -39.47 -11.87
CA GLU B 247 -41.43 -38.64 -11.25
C GLU B 247 -40.27 -39.47 -10.70
N HIS B 248 -40.58 -40.58 -10.04
CA HIS B 248 -39.60 -41.41 -9.36
C HIS B 248 -38.68 -42.16 -10.30
N HIS B 249 -38.92 -42.13 -11.60
CA HIS B 249 -38.03 -42.80 -12.54
C HIS B 249 -36.75 -42.01 -12.82
N TYR B 250 -36.71 -40.76 -12.39
CA TYR B 250 -35.70 -39.80 -12.79
C TYR B 250 -34.80 -39.48 -11.60
N CYS B 251 -33.53 -39.25 -11.91
CA CYS B 251 -32.60 -38.66 -10.95
C CYS B 251 -31.85 -37.53 -11.65
N CYS B 252 -31.10 -36.77 -10.89
CA CYS B 252 -30.33 -35.63 -11.37
C CYS B 252 -28.86 -35.93 -11.09
N ILE B 253 -28.01 -35.59 -12.04
CA ILE B 253 -26.57 -35.73 -11.86
C ILE B 253 -25.95 -34.35 -11.97
N VAL B 254 -25.00 -34.03 -11.09
CA VAL B 254 -24.37 -32.72 -11.08
C VAL B 254 -22.89 -32.92 -11.23
N GLN B 255 -22.25 -32.12 -12.08
CA GLN B 255 -20.81 -32.09 -12.21
C GLN B 255 -20.33 -30.75 -11.71
N HIS B 256 -19.32 -30.75 -10.85
CA HIS B 256 -18.75 -29.54 -10.26
C HIS B 256 -17.33 -29.82 -9.74
N ALA B 257 -16.45 -28.82 -9.88
CA ALA B 257 -15.06 -29.02 -9.45
C ALA B 257 -14.94 -29.36 -7.97
N GLY B 258 -15.91 -29.02 -7.14
CA GLY B 258 -15.83 -29.32 -5.72
C GLY B 258 -16.19 -30.74 -5.33
N LEU B 259 -16.56 -31.57 -6.30
CA LEU B 259 -16.93 -32.95 -6.08
C LEU B 259 -15.84 -33.85 -6.67
N ALA B 260 -15.49 -34.91 -5.95
CA ALA B 260 -14.52 -35.87 -6.45
C ALA B 260 -15.03 -36.55 -7.72
N GLN B 261 -16.34 -36.70 -7.86
CA GLN B 261 -16.91 -37.32 -9.03
C GLN B 261 -18.37 -36.86 -9.16
N PRO B 262 -18.97 -37.02 -10.34
CA PRO B 262 -20.39 -36.68 -10.48
C PRO B 262 -21.22 -37.29 -9.37
N LEU B 263 -22.14 -36.50 -8.83
CA LEU B 263 -23.01 -36.91 -7.76
C LEU B 263 -24.42 -37.10 -8.28
N ARG B 264 -24.99 -38.27 -8.02
CA ARG B 264 -26.37 -38.58 -8.37
C ARG B 264 -27.28 -38.10 -7.25
N VAL B 265 -28.42 -37.54 -7.61
CA VAL B 265 -29.33 -36.95 -6.63
C VAL B 265 -30.74 -37.51 -6.84
N GLU B 266 -31.33 -38.03 -5.79
CA GLU B 266 -32.60 -38.74 -5.88
C GLU B 266 -33.71 -37.80 -5.43
N LEU B 267 -34.91 -38.07 -5.93
CA LEU B 267 -36.10 -37.34 -5.52
C LEU B 267 -36.29 -37.45 -4.03
N GLU B 268 -36.67 -36.35 -3.39
CA GLU B 268 -37.18 -36.40 -2.02
C GLU B 268 -38.70 -36.35 -2.07
N SER B 269 -39.32 -37.06 -1.12
CA SER B 269 -40.78 -37.08 -1.01
C SER B 269 -41.34 -35.75 -0.51
N ILE C 1 -30.54 2.72 -25.12
CA ILE C 1 -31.44 1.54 -25.29
C ILE C 1 -32.12 1.27 -23.94
N GLN C 2 -33.16 0.44 -23.95
CA GLN C 2 -33.85 0.04 -22.75
C GLN C 2 -33.89 -1.48 -22.72
N ARG C 3 -33.81 -2.05 -21.51
CA ARG C 3 -33.83 -3.50 -21.35
C ARG C 3 -34.65 -3.82 -20.12
N THR C 4 -35.52 -4.82 -20.25
CA THR C 4 -36.42 -5.21 -19.18
C THR C 4 -35.72 -6.16 -18.20
N PRO C 5 -35.92 -5.97 -16.90
CA PRO C 5 -35.29 -6.86 -15.94
C PRO C 5 -35.84 -8.28 -16.01
N LYS C 6 -34.92 -9.23 -15.89
CA LYS C 6 -35.23 -10.58 -15.44
C LYS C 6 -35.11 -10.64 -13.92
N ILE C 7 -35.96 -11.47 -13.32
CA ILE C 7 -36.12 -11.56 -11.88
C ILE C 7 -36.09 -13.02 -11.49
N GLN C 8 -35.17 -13.40 -10.61
CA GLN C 8 -35.16 -14.72 -10.01
C GLN C 8 -35.18 -14.60 -8.50
N VAL C 9 -35.85 -15.55 -7.85
CA VAL C 9 -35.96 -15.64 -6.40
C VAL C 9 -35.57 -17.04 -5.97
N TYR C 10 -34.62 -17.12 -5.04
CA TYR C 10 -34.13 -18.39 -4.54
C TYR C 10 -33.39 -18.16 -3.23
N SER C 11 -33.31 -19.21 -2.45
CA SER C 11 -32.63 -19.18 -1.16
C SER C 11 -31.17 -19.53 -1.33
N ARG C 12 -30.37 -19.07 -0.36
CA ARG C 12 -28.94 -19.30 -0.38
C ARG C 12 -28.63 -20.73 0.02
N HIS C 13 -29.35 -21.26 0.99
CA HIS C 13 -29.25 -22.65 1.38
C HIS C 13 -30.60 -23.35 1.19
N PRO C 14 -30.60 -24.67 1.08
CA PRO C 14 -31.88 -25.37 0.96
C PRO C 14 -32.78 -25.05 2.15
N ALA C 15 -34.02 -24.67 1.87
CA ALA C 15 -34.84 -24.17 2.97
C ALA C 15 -35.34 -25.33 3.82
N GLU C 16 -35.35 -25.13 5.13
CA GLU C 16 -35.99 -26.04 6.08
C GLU C 16 -36.82 -25.18 7.02
N ASN C 17 -38.07 -25.57 7.26
CA ASN C 17 -38.97 -24.81 8.12
C ASN C 17 -38.32 -24.55 9.48
N GLY C 18 -38.39 -23.28 9.93
CA GLY C 18 -37.82 -22.88 11.20
C GLY C 18 -36.32 -22.70 11.24
N LYS C 19 -35.62 -22.84 10.10
CA LYS C 19 -34.17 -22.67 10.08
C LYS C 19 -33.80 -21.38 9.37
N SER C 20 -32.97 -20.57 10.04
CA SER C 20 -32.52 -19.29 9.48
C SER C 20 -31.77 -19.52 8.17
N ASN C 21 -31.90 -18.57 7.24
CA ASN C 21 -31.48 -18.71 5.86
C ASN C 21 -31.47 -17.31 5.25
N PHE C 22 -31.16 -17.23 3.97
CA PHE C 22 -31.25 -15.98 3.25
C PHE C 22 -32.04 -16.21 1.99
N LEU C 23 -32.84 -15.22 1.62
CA LEU C 23 -33.61 -15.25 0.39
C LEU C 23 -33.06 -14.18 -0.54
N ASN C 24 -32.80 -14.57 -1.78
CA ASN C 24 -32.24 -13.71 -2.80
C ASN C 24 -33.32 -13.30 -3.77
N CYS C 25 -33.21 -12.08 -4.24
CA CYS C 25 -33.92 -11.60 -5.41
C CYS C 25 -32.87 -11.09 -6.39
N TYR C 26 -32.60 -11.86 -7.42
CA TYR C 26 -31.58 -11.53 -8.39
C TYR C 26 -32.24 -10.90 -9.62
N VAL C 27 -31.95 -9.63 -9.87
CA VAL C 27 -32.53 -8.88 -10.98
C VAL C 27 -31.42 -8.57 -11.96
N SER C 28 -31.63 -8.92 -13.22
CA SER C 28 -30.53 -8.89 -14.17
C SER C 28 -31.02 -8.47 -15.54
N GLY C 29 -30.06 -8.08 -16.38
CA GLY C 29 -30.32 -7.79 -17.78
C GLY C 29 -31.06 -6.51 -18.10
N PHE C 30 -30.98 -5.50 -17.22
CA PHE C 30 -31.79 -4.31 -17.36
C PHE C 30 -30.95 -3.09 -17.69
N HIS C 31 -31.63 -2.09 -18.25
CA HIS C 31 -31.03 -0.82 -18.62
C HIS C 31 -32.17 0.16 -18.79
N PRO C 32 -32.10 1.37 -18.22
CA PRO C 32 -30.99 1.95 -17.44
C PRO C 32 -30.95 1.34 -16.00
N SER C 33 -30.04 1.85 -15.17
CA SER C 33 -29.69 1.20 -13.91
C SER C 33 -30.64 1.56 -12.76
N ASP C 34 -31.38 2.66 -12.90
CA ASP C 34 -32.42 3.04 -11.95
C ASP C 34 -33.44 1.92 -11.82
N ILE C 35 -33.62 1.40 -10.61
CA ILE C 35 -34.49 0.24 -10.41
C ILE C 35 -34.92 0.24 -8.96
N GLU C 36 -36.09 -0.37 -8.72
CA GLU C 36 -36.69 -0.40 -7.39
C GLU C 36 -37.05 -1.84 -7.07
N VAL C 37 -36.55 -2.35 -5.95
CA VAL C 37 -36.70 -3.74 -5.58
C VAL C 37 -37.13 -3.79 -4.13
N ASP C 38 -38.19 -4.54 -3.85
CA ASP C 38 -38.59 -4.85 -2.48
C ASP C 38 -38.73 -6.36 -2.36
N LEU C 39 -38.31 -6.91 -1.23
CA LEU C 39 -38.58 -8.28 -0.86
C LEU C 39 -39.81 -8.24 0.05
N LEU C 40 -40.73 -9.19 -0.12
CA LEU C 40 -41.99 -9.19 0.61
C LEU C 40 -42.20 -10.47 1.40
N LYS C 41 -42.76 -10.32 2.60
CA LYS C 41 -43.20 -11.41 3.45
C LYS C 41 -44.71 -11.32 3.62
N ASN C 42 -45.43 -12.31 3.09
CA ASN C 42 -46.88 -12.30 3.11
C ASN C 42 -47.42 -10.96 2.63
N GLY C 43 -46.86 -10.48 1.53
CA GLY C 43 -47.29 -9.25 0.91
C GLY C 43 -46.79 -7.97 1.54
N GLU C 44 -46.10 -8.02 2.67
CA GLU C 44 -45.60 -6.83 3.32
C GLU C 44 -44.09 -6.64 3.05
N ARG C 45 -43.70 -5.40 2.83
CA ARG C 45 -42.31 -5.11 2.54
C ARG C 45 -41.41 -5.38 3.75
N ILE C 46 -40.28 -6.06 3.48
CA ILE C 46 -39.28 -6.34 4.50
C ILE C 46 -38.30 -5.17 4.53
N GLU C 47 -38.12 -4.59 5.72
CA GLU C 47 -37.17 -3.49 5.86
C GLU C 47 -35.73 -3.95 5.78
N LYS C 48 -35.40 -5.07 6.44
CA LYS C 48 -33.99 -5.44 6.65
C LYS C 48 -33.56 -6.31 5.48
N VAL C 49 -33.40 -5.64 4.36
CA VAL C 49 -32.86 -6.19 3.12
C VAL C 49 -31.57 -5.45 2.81
N GLU C 50 -30.66 -6.12 2.13
CA GLU C 50 -29.42 -5.50 1.67
C GLU C 50 -29.27 -5.85 0.21
N HIS C 51 -28.32 -5.22 -0.44
CA HIS C 51 -28.04 -5.58 -1.81
C HIS C 51 -26.55 -5.48 -2.11
N SER C 52 -26.10 -6.34 -3.02
N SER C 52 -26.08 -6.35 -3.00
CA SER C 52 -24.78 -6.23 -3.62
CA SER C 52 -24.74 -6.22 -3.54
C SER C 52 -24.66 -4.93 -4.40
C SER C 52 -24.67 -5.03 -4.48
N ASP C 53 -23.45 -4.64 -4.83
CA ASP C 53 -23.23 -3.49 -5.71
C ASP C 53 -23.92 -3.74 -7.02
N LEU C 54 -24.57 -2.70 -7.56
CA LEU C 54 -25.05 -2.70 -8.92
C LEU C 54 -23.87 -2.81 -9.87
N SER C 55 -23.89 -3.83 -10.73
CA SER C 55 -22.81 -4.12 -11.65
C SER C 55 -23.42 -4.46 -13.01
N PHE C 56 -22.61 -4.94 -13.96
CA PHE C 56 -23.17 -5.14 -15.28
C PHE C 56 -22.41 -6.21 -16.03
N SER C 57 -23.07 -6.76 -17.03
CA SER C 57 -22.57 -7.90 -17.77
C SER C 57 -21.86 -7.42 -19.04
N LYS C 58 -21.34 -8.38 -19.80
CA LYS C 58 -20.57 -8.07 -21.02
C LYS C 58 -21.42 -7.30 -22.03
N ASP C 59 -22.71 -7.60 -22.11
CA ASP C 59 -23.64 -6.88 -22.97
C ASP C 59 -24.06 -5.53 -22.40
N TRP C 60 -23.42 -5.09 -21.32
CA TRP C 60 -23.57 -3.80 -20.68
C TRP C 60 -24.85 -3.73 -19.85
N SER C 61 -25.73 -4.76 -19.89
CA SER C 61 -26.93 -4.73 -19.05
C SER C 61 -26.54 -4.87 -17.58
N PHE C 62 -27.35 -4.25 -16.71
CA PHE C 62 -27.10 -4.21 -15.27
C PHE C 62 -27.67 -5.44 -14.58
N TYR C 63 -27.05 -5.80 -13.45
CA TYR C 63 -27.63 -6.74 -12.51
C TYR C 63 -27.34 -6.30 -11.09
N LEU C 64 -28.09 -6.91 -10.18
CA LEU C 64 -28.27 -6.45 -8.81
C LEU C 64 -28.79 -7.62 -8.01
N LEU C 65 -28.12 -7.96 -6.93
CA LEU C 65 -28.61 -8.99 -6.01
C LEU C 65 -29.17 -8.35 -4.75
N TYR C 66 -30.45 -8.52 -4.52
CA TYR C 66 -31.05 -8.19 -3.23
C TYR C 66 -31.16 -9.45 -2.39
N TYR C 67 -31.04 -9.29 -1.08
CA TYR C 67 -31.17 -10.45 -0.21
C TYR C 67 -31.58 -10.02 1.19
N THR C 68 -32.14 -11.00 1.92
CA THR C 68 -32.68 -10.75 3.25
C THR C 68 -32.55 -12.02 4.07
N GLU C 69 -32.23 -11.84 5.34
CA GLU C 69 -32.27 -12.95 6.27
C GLU C 69 -33.72 -13.36 6.49
N PHE C 70 -33.99 -14.66 6.46
CA PHE C 70 -35.35 -15.12 6.70
C PHE C 70 -35.36 -16.54 7.27
N THR C 71 -36.49 -16.85 7.91
CA THR C 71 -36.73 -18.13 8.55
C THR C 71 -38.05 -18.61 7.96
N PRO C 72 -38.00 -19.40 6.88
CA PRO C 72 -39.25 -19.84 6.27
C PRO C 72 -40.01 -20.78 7.21
N THR C 73 -41.34 -20.69 7.10
CA THR C 73 -42.27 -21.62 7.71
C THR C 73 -43.22 -22.12 6.63
N GLU C 74 -43.91 -23.23 6.94
CA GLU C 74 -44.85 -23.80 6.00
C GLU C 74 -45.80 -22.75 5.44
N LYS C 75 -46.30 -21.85 6.30
CA LYS C 75 -47.39 -20.99 5.90
C LYS C 75 -46.91 -19.70 5.23
N ASP C 76 -45.68 -19.28 5.45
CA ASP C 76 -45.24 -17.97 4.98
C ASP C 76 -44.95 -17.97 3.49
N GLU C 77 -45.36 -16.89 2.82
CA GLU C 77 -45.12 -16.68 1.41
C GLU C 77 -44.20 -15.49 1.23
N TYR C 78 -43.18 -15.65 0.38
CA TYR C 78 -42.19 -14.61 0.15
C TYR C 78 -42.22 -14.27 -1.32
N ALA C 79 -41.87 -13.03 -1.63
CA ALA C 79 -41.88 -12.57 -3.01
C ALA C 79 -40.87 -11.43 -3.17
N CYS C 80 -40.56 -11.17 -4.43
CA CYS C 80 -39.74 -10.05 -4.83
C CYS C 80 -40.56 -9.17 -5.75
N ARG C 81 -40.50 -7.86 -5.55
CA ARG C 81 -41.29 -6.91 -6.33
C ARG C 81 -40.39 -5.84 -6.93
N VAL C 82 -40.48 -5.67 -8.25
CA VAL C 82 -39.52 -4.88 -9.01
C VAL C 82 -40.29 -3.86 -9.84
N ASN C 83 -39.85 -2.60 -9.80
CA ASN C 83 -40.32 -1.60 -10.75
C ASN C 83 -39.15 -1.00 -11.52
N HIS C 84 -39.43 -0.64 -12.77
CA HIS C 84 -38.43 -0.20 -13.72
C HIS C 84 -39.16 0.54 -14.83
N VAL C 85 -38.50 1.54 -15.40
CA VAL C 85 -39.06 2.29 -16.52
C VAL C 85 -39.65 1.38 -17.58
N THR C 86 -39.08 0.19 -17.78
CA THR C 86 -39.58 -0.67 -18.85
C THR C 86 -40.88 -1.38 -18.51
N LEU C 87 -41.43 -1.21 -17.31
CA LEU C 87 -42.54 -2.02 -16.87
C LEU C 87 -43.75 -1.13 -16.64
N SER C 88 -44.91 -1.59 -17.12
CA SER C 88 -46.19 -0.89 -16.94
C SER C 88 -46.58 -0.78 -15.46
N GLN C 89 -46.32 -1.85 -14.71
CA GLN C 89 -46.68 -1.92 -13.30
C GLN C 89 -45.63 -2.77 -12.61
N PRO C 90 -45.51 -2.70 -11.30
CA PRO C 90 -44.54 -3.54 -10.60
C PRO C 90 -44.74 -5.02 -10.93
N LYS C 91 -43.63 -5.73 -11.08
CA LYS C 91 -43.63 -7.15 -11.36
C LYS C 91 -43.31 -7.90 -10.07
N ILE C 92 -44.14 -8.88 -9.73
CA ILE C 92 -43.98 -9.67 -8.53
C ILE C 92 -43.62 -11.09 -8.94
N VAL C 93 -42.53 -11.61 -8.39
CA VAL C 93 -42.16 -13.00 -8.55
C VAL C 93 -42.18 -13.61 -7.16
N LYS C 94 -42.90 -14.73 -7.02
CA LYS C 94 -43.04 -15.45 -5.76
C LYS C 94 -41.92 -16.47 -5.59
N TRP C 95 -41.44 -16.60 -4.36
CA TRP C 95 -40.49 -17.66 -4.06
C TRP C 95 -41.17 -19.00 -4.29
N ASP C 96 -40.58 -19.86 -5.11
CA ASP C 96 -41.22 -21.10 -5.50
C ASP C 96 -40.72 -22.30 -4.72
N ARG C 97 -39.89 -22.09 -3.70
CA ARG C 97 -39.43 -23.19 -2.86
C ARG C 97 -38.76 -24.30 -3.69
N ASP C 98 -38.06 -23.91 -4.75
CA ASP C 98 -37.24 -24.84 -5.53
C ASP C 98 -38.09 -25.83 -6.32
N MET C 99 -39.31 -25.40 -6.71
CA MET C 99 -40.24 -26.20 -7.50
C MET C 99 -40.73 -25.21 -8.57
N HIS C 100 -40.08 -25.20 -9.72
CA HIS C 100 -40.32 -24.13 -10.69
C HIS C 100 -41.60 -24.16 -11.54
O1 MES D . 5.66 5.87 21.90
C2 MES D . 5.37 7.26 21.75
C3 MES D . 4.02 7.42 21.03
N4 MES D . 4.14 6.78 19.73
C5 MES D . 4.54 5.38 19.73
C6 MES D . 5.76 5.22 20.64
C7 MES D . 2.95 6.96 18.91
C8 MES D . 3.35 7.77 17.70
S MES D . 2.89 9.36 17.86
O1S MES D . 2.89 9.85 19.28
O2S MES D . 3.82 10.23 17.07
O3S MES D . 1.51 9.42 17.31
H21 MES D . 6.16 7.74 21.16
H22 MES D . 5.33 7.75 22.72
H31 MES D . 3.78 8.48 20.92
H32 MES D . 3.23 6.96 21.63
HN4 MES D . 4.91 7.27 19.33
H51 MES D . 4.79 5.06 18.72
H52 MES D . 3.73 4.74 20.09
H61 MES D . 5.93 4.15 20.82
H62 MES D . 6.63 5.61 20.12
H71 MES D . 2.54 5.99 18.61
H72 MES D . 2.17 7.48 19.48
H81 MES D . 4.44 7.72 17.57
H82 MES D . 2.90 7.35 16.80
N CYS E . 54.05 46.32 3.83
CA CYS E . 53.69 45.85 5.16
C CYS E . 54.39 44.54 5.48
O CYS E . 55.48 44.26 4.99
CB CYS E . 52.18 45.69 5.28
SG CYS E . 51.48 44.40 4.22
HA CYS E . 53.97 46.52 5.82
HB2 CYS E . 51.96 45.47 6.19
HB3 CYS E . 51.75 46.53 5.03
N12 JG5 F . 10.65 23.07 8.96
C15 JG5 F . 20.33 27.50 10.22
C17 JG5 F . 22.48 27.11 8.91
C20 JG5 F . 25.97 28.14 8.28
C21 JG5 F . 26.00 29.45 7.44
C28 JG5 F . 29.68 30.81 6.67
C01 JG5 F . 18.17 27.63 11.64
C02 JG5 F . 17.61 27.29 13.03
C03 JG5 F . 16.02 27.30 12.99
C04 JG5 F . 15.57 26.02 13.77
C05 JG5 F . 14.54 25.24 12.95
C06 JG5 F . 15.20 24.24 12.02
C07 JG5 F . 14.44 24.27 10.66
C08 JG5 F . 14.11 22.88 10.06
C09 JG5 F . 12.74 23.09 9.38
C14 JG5 F . 19.69 27.37 11.63
C16 JG5 F . 21.80 27.01 10.28
C18 JG5 F . 24.01 26.83 9.09
C19 JG5 F . 24.85 28.12 9.35
C27 JG5 F . 28.69 31.96 6.17
C29 JG5 F . 30.95 31.36 7.40
C30 JG5 F . 30.81 31.25 8.95
C33 JG5 F . 31.14 32.49 11.24
C34 JG5 F . 32.58 32.61 11.77
C36 JG5 F . 34.72 33.57 11.32
C37 JG5 F . 35.39 34.92 10.91
C39 JG5 F . 37.75 34.77 10.68
C40 JG5 F . 38.80 34.94 9.53
C43 JG5 F . 40.65 33.96 8.10
C44 JG5 F . 42.06 33.85 8.72
C45 JG5 F . 43.19 33.60 7.65
C46 JG5 F . 43.97 32.29 8.00
C49 JG5 F . 43.99 29.69 8.06
C50 JG5 F . 45.34 29.57 7.26
C51 JG5 F . 46.55 29.59 8.23
C52 JG5 F . 47.89 29.32 7.54
C55 JG5 F . 50.06 30.17 6.50
C56 JG5 F . 50.49 31.37 5.60
C58 JG5 F . 51.61 31.46 3.44
C59 JG5 F . 52.39 32.82 3.43
C61 JG5 F . 54.73 33.47 3.64
C62 JG5 F . 55.22 34.40 4.80
C65 JG5 F . 55.28 36.53 3.29
C66 JG5 F . 54.63 37.90 3.51
C67 JG5 F . 55.58 38.93 4.15
C68 JG5 F . 54.87 40.17 4.72
C69 JG5 F . 53.43 40.36 4.15
C71 JG5 F . 51.41 41.75 4.80
C73 JG5 F . 50.81 43.10 5.25
C78 JG5 F . 56.62 36.70 2.60
C81 JG5 F . 43.02 28.51 7.76
C84 JG5 F . 40.41 32.85 7.07
N10 JG5 F . 12.59 23.78 8.21
N11 JG5 F . 11.26 23.76 7.93
N13 JG5 F . 11.59 22.68 9.87
N23 JG5 F . 27.08 29.61 6.46
N32 JG5 F . 31.19 32.45 9.75
N42 JG5 F . 39.68 33.81 9.15
N48 JG5 F . 43.30 30.98 7.73
N54 JG5 F . 48.76 30.44 7.16
N64 JG5 F . 55.48 35.87 4.60
N70 JG5 F . 52.85 41.64 4.59
O22 JG5 F . 25.19 30.29 7.56
O25 JG5 F . 27.37 30.81 4.10
O26 JG5 F . 25.99 31.86 5.72
O31 JG5 F . 30.41 30.25 9.46
O35 JG5 F . 33.32 33.63 11.04
O38 JG5 F . 36.50 34.63 10.07
O41 JG5 F . 38.89 35.97 8.98
O47 JG5 F . 45.06 32.32 8.49
O53 JG5 F . 48.23 28.19 7.30
O57 JG5 F . 51.59 30.92 4.79
O60 JG5 F . 53.64 32.64 4.14
O63 JG5 F . 55.40 33.94 5.87
O72 JG5 F . 50.71 40.81 4.63
O79 JG5 F . 57.62 36.04 2.98
O80 JG5 F . 56.73 37.52 1.64
O82 JG5 F . 43.16 27.81 6.72
O83 JG5 F . 42.06 28.27 8.55
O85 JG5 F . 40.32 31.64 7.43
O86 JG5 F . 40.31 33.15 5.84
S24 JG5 F . 27.21 31.07 5.54
H3 JG5 F . 20.31 28.43 9.94
H2 JG5 F . 19.83 26.97 9.59
H4 JG5 F . 22.10 26.45 8.30
H5 JG5 F . 22.36 27.99 8.55
H7 JG5 F . 26.83 28.04 8.72
H6 JG5 F . 25.83 27.39 7.67
H8 JG5 F . 29.19 30.24 7.28
H9 JG5 F . 29.96 30.29 5.90
H11 JG5 F . 17.74 27.08 10.97
H10 JG5 F . 17.99 28.57 11.44
H12 JG5 F . 17.92 27.95 13.67
H13 JG5 F . 17.92 26.42 13.30
H14 JG5 F . 15.71 27.27 12.07
H15 JG5 F . 15.68 28.10 13.42
H16 JG5 F . 15.18 26.28 14.61
H17 JG5 F . 16.34 25.46 13.93
H19 JG5 F . 14.02 25.87 12.42
H18 JG5 F . 13.95 24.78 13.55
H20 JG5 F . 15.15 23.36 12.41
H21 JG5 F . 16.14 24.49 11.89
H23 JG5 F . 15.00 24.76 10.02
H22 JG5 F . 13.62 24.76 10.79
H25 JG5 F . 14.06 22.21 10.75
H24 JG5 F . 14.79 22.60 9.41
H26 JG5 F . 19.85 26.47 11.96
H27 JG5 F . 20.13 28.00 12.23
H28 JG5 F . 21.80 26.09 10.57
H29 JG5 F . 22.28 27.55 10.92
H30 JG5 F . 24.14 26.22 9.84
H31 JG5 F . 24.34 26.40 8.28
H32 JG5 F . 24.28 28.90 9.27
H33 JG5 F . 25.23 28.10 10.24
H35 JG5 F . 29.11 32.47 5.46
H34 JG5 F . 28.45 32.54 6.90
H36 JG5 F . 31.71 30.84 7.11
H37 JG5 F . 31.08 32.29 7.15
H39 JG5 F . 30.62 33.26 11.54
H38 JG5 F . 30.73 31.68 11.58
H40 JG5 F . 32.55 32.85 12.70
H41 JG5 F . 33.02 31.76 11.66
H42 JG5 F . 34.87 33.41 12.26
H43 JG5 F . 35.13 32.85 10.80
H44 JG5 F . 34.74 35.47 10.44
H45 JG5 F . 35.69 35.39 11.72
H46 JG5 F . 37.76 35.54 11.26
H47 JG5 F . 37.96 33.97 11.19
H48 JG5 F . 40.59 34.79 7.67
H49 JG5 F . 42.25 34.67 9.19
H50 JG5 F . 42.06 33.11 9.35
H52 JG5 F . 43.80 34.35 7.66
H51 JG5 F . 42.80 33.53 6.77
H53 JG5 F . 44.21 29.69 9.00
H55 JG5 F . 45.35 28.73 6.77
H54 JG5 F . 45.42 30.30 6.64
H57 JG5 F . 46.59 30.47 8.64
H56 JG5 F . 46.41 28.92 8.91
H59 JG5 F . 50.73 30.02 7.18
H58 JG5 F . 49.97 29.38 5.95
H61 JG5 F . 49.75 31.64 5.04
H60 JG5 F . 50.78 32.12 6.15
H63 JG5 F . 52.05 30.83 2.85
H62 JG5 F . 50.70 31.60 3.13
H64 JG5 F . 52.56 33.09 2.52
H65 JG5 F . 51.86 33.49 3.88
H67 JG5 F . 55.47 32.92 3.33
H66 JG5 F . 54.41 34.03 2.89
H68 JG5 F . 54.73 35.99 2.76
H70 JG5 F . 54.34 38.24 2.64
H69 JG5 F . 53.86 37.80 4.08
H72 JG5 F . 56.07 38.49 4.87
H71 JG5 F . 56.22 39.22 3.48
H73 JG5 F . 54.82 40.08 5.68
H74 JG5 F . 55.40 40.95 4.50
H76 JG5 F . 53.45 40.33 3.19
H75 JG5 F . 52.86 39.64 4.47
H77 JG5 F . 51.19 43.36 6.10
H78 JG5 F . 49.84 43.00 5.35
H83 JG5 F . 27.65 28.97 6.34
H84 JG5 F . 31.45 33.16 9.33
H85 JG5 F . 39.60 33.06 9.56
H86 JG5 F . 42.52 30.96 7.39
H87 JG5 F . 48.53 31.25 7.32
H88 JG5 F . 55.74 36.35 5.27
H89 JG5 F . 53.37 42.32 4.72
N CYS G . -20.86 -4.26 -0.80
CA CYS G . -19.99 -4.87 -1.80
C CYS G . -20.74 -6.01 -2.60
O CYS G . -21.12 -5.92 -3.80
CB CYS G . -18.74 -5.40 -1.11
SG CYS G . -17.22 -4.37 -1.10
OXT CYS G . -20.99 -7.09 -2.04
HA CYS G . -19.73 -4.21 -2.47
HB2 CYS G . -18.96 -5.57 -0.18
HB3 CYS G . -18.50 -6.24 -1.54
#